data_3NQI
#
_entry.id   3NQI
#
_cell.length_a   157.490
_cell.length_b   77.227
_cell.length_c   97.406
_cell.angle_alpha   90.000
_cell.angle_beta   103.850
_cell.angle_gamma   90.000
#
_symmetry.space_group_name_H-M   'C 1 2 1'
#
loop_
_entity.id
_entity.type
_entity.pdbx_description
1 polymer 'Putative lipoprotein'
2 non-polymer 'CADMIUM ION'
3 non-polymer 'CHLORIDE ION'
4 non-polymer DI(HYDROXYETHYL)ETHER
5 non-polymer 'ACETATE ION'
6 water water
#
_entity_poly.entity_id   1
_entity_poly.type   'polypeptide(L)'
_entity_poly.pdbx_seq_one_letter_code
;G(MSE)DSGESGPQQWAGVVKVNDR(MSE)GYVTFTDAAGTELIPTNTIPVTLNAR(MSE)AYIYCQVDEGQDLSTNPKS
IKITLLADPTGIDATAITTPKVGESGDVTTNAPVGSLSFVSGYSTVAPFQFSENTIVLPVLYRVKNVTTTEDIKNELAKH
TFTLVCYTDDIKSGDTILKLYLRYKVEDEPAAIAERATRTSSFKAYEISQILREYTLKSGQTKPAKITIVAQQNEYNNKL
EDTSTIEKVYEIEYKTAE
;
_entity_poly.pdbx_strand_id   A,B,C,D
#
# COMPACT_ATOMS: atom_id res chain seq x y z
N PRO A 9 -4.78 20.92 20.41
CA PRO A 9 -4.44 19.63 21.01
C PRO A 9 -4.24 18.55 19.95
N GLN A 10 -3.01 18.46 19.43
CA GLN A 10 -2.68 17.54 18.33
C GLN A 10 -2.92 16.10 18.77
N GLN A 11 -3.46 15.29 17.85
CA GLN A 11 -3.73 13.87 18.06
C GLN A 11 -2.76 13.02 17.25
N TRP A 12 -2.49 11.79 17.69
CA TRP A 12 -1.57 10.90 16.99
C TRP A 12 -1.92 9.45 17.30
N ALA A 13 -1.79 8.56 16.34
CA ALA A 13 -1.86 7.12 16.62
C ALA A 13 -0.62 6.55 16.01
N GLY A 14 -0.13 5.46 16.54
CA GLY A 14 1.05 4.84 15.98
C GLY A 14 1.65 3.80 16.91
N VAL A 15 2.72 3.20 16.40
CA VAL A 15 3.42 2.11 17.04
C VAL A 15 4.46 2.72 17.96
N VAL A 16 4.58 2.19 19.17
CA VAL A 16 5.51 2.69 20.16
C VAL A 16 6.10 1.56 20.96
N LYS A 17 7.27 1.79 21.54
CA LYS A 17 7.84 0.86 22.47
C LYS A 17 7.20 1.17 23.84
N VAL A 18 7.04 0.13 24.67
CA VAL A 18 6.43 0.27 25.98
C VAL A 18 7.56 0.25 27.02
N ASN A 19 7.62 1.26 27.89
CA ASN A 19 8.64 1.26 28.96
C ASN A 19 8.06 0.92 30.33
N ASP A 20 8.80 0.16 31.15
CA ASP A 20 8.50 0.01 32.58
C ASP A 20 9.35 1.02 33.35
N ARG A 21 8.74 2.11 33.79
CA ARG A 21 9.45 3.17 34.51
C ARG A 21 9.15 3.05 36.02
N GLY A 23 7.75 0.77 37.63
CA GLY A 23 6.36 0.29 37.77
C GLY A 23 5.28 1.05 37.02
N TYR A 24 5.54 2.31 36.64
CA TYR A 24 4.60 3.07 35.83
C TYR A 24 4.97 2.84 34.37
N VAL A 25 3.96 2.77 33.50
CA VAL A 25 4.23 2.54 32.07
C VAL A 25 4.35 3.85 31.31
N THR A 26 5.41 4.00 30.52
CA THR A 26 5.45 5.09 29.53
C THR A 26 5.69 4.47 28.14
N PHE A 27 5.71 5.30 27.12
CA PHE A 27 6.00 4.87 25.74
C PHE A 27 7.12 5.65 25.09
N THR A 28 7.72 5.07 24.06
CA THR A 28 8.75 5.76 23.23
C THR A 28 8.40 5.64 21.76
N ASP A 29 8.27 6.77 21.04
CA ASP A 29 7.91 6.68 19.63
C ASP A 29 9.15 6.35 18.80
N ALA A 30 8.96 6.17 17.49
CA ALA A 30 10.06 5.79 16.57
C ALA A 30 11.15 6.85 16.46
N ALA A 31 10.79 8.10 16.70
CA ALA A 31 11.77 9.18 16.76
C ALA A 31 12.61 9.17 18.05
N GLY A 32 12.28 8.30 19.00
CA GLY A 32 12.94 8.25 20.32
C GLY A 32 12.38 9.17 21.40
N THR A 33 11.26 9.84 21.14
CA THR A 33 10.65 10.70 22.14
C THR A 33 9.89 9.87 23.18
N GLU A 34 10.12 10.11 24.47
CA GLU A 34 9.33 9.44 25.51
C GLU A 34 7.96 10.11 25.63
N LEU A 35 6.90 9.30 25.64
CA LEU A 35 5.53 9.80 25.80
C LEU A 35 5.02 9.40 27.18
N ILE A 36 4.65 10.40 27.98
CA ILE A 36 4.30 10.19 29.39
C ILE A 36 2.78 10.33 29.59
N PRO A 37 2.10 9.23 29.90
CA PRO A 37 0.65 9.34 30.11
C PRO A 37 0.30 10.12 31.35
N THR A 38 -0.71 10.97 31.22
CA THR A 38 -1.27 11.70 32.34
C THR A 38 -2.71 11.27 32.64
N ASN A 39 -3.20 10.23 31.97
CA ASN A 39 -4.50 9.66 32.35
C ASN A 39 -4.56 9.38 33.85
N THR A 40 -5.73 9.61 34.45
CA THR A 40 -5.92 9.43 35.88
C THR A 40 -6.06 7.96 36.25
N ILE A 41 -6.52 7.12 35.32
CA ILE A 41 -6.50 5.66 35.54
C ILE A 41 -5.16 5.12 35.02
N PRO A 42 -4.39 4.39 35.87
CA PRO A 42 -3.08 3.89 35.47
C PRO A 42 -3.08 2.98 34.25
N VAL A 43 -2.08 3.14 33.40
CA VAL A 43 -1.83 2.21 32.28
C VAL A 43 -1.27 0.94 32.84
N THR A 44 -1.91 -0.18 32.53
CA THR A 44 -1.46 -1.47 33.03
C THR A 44 -1.03 -2.46 31.93
N LEU A 45 -0.93 -1.99 30.70
CA LEU A 45 -0.48 -2.85 29.56
C LEU A 45 0.84 -3.57 29.79
N ASN A 46 0.84 -4.91 29.67
CA ASN A 46 2.05 -5.73 29.78
C ASN A 46 2.46 -6.15 28.34
N ALA A 47 3.25 -5.33 27.67
CA ALA A 47 3.67 -5.65 26.31
C ALA A 47 5.03 -5.02 26.17
N ARG A 48 5.76 -5.46 25.17
CA ARG A 48 7.06 -4.88 24.86
C ARG A 48 6.82 -3.76 23.86
N ALA A 50 3.51 -1.54 21.44
CA ALA A 50 2.07 -1.24 21.47
C ALA A 50 1.65 -0.33 20.34
N TYR A 51 0.36 -0.31 20.03
CA TYR A 51 -0.26 0.72 19.21
C TYR A 51 -1.10 1.63 20.14
N ILE A 52 -0.84 2.93 20.10
CA ILE A 52 -1.61 3.87 20.92
C ILE A 52 -2.25 4.92 20.06
N TYR A 53 -3.28 5.52 20.61
CA TYR A 53 -4.02 6.60 20.05
C TYR A 53 -4.03 7.67 21.15
N CYS A 54 -3.49 8.83 20.85
CA CYS A 54 -3.25 9.78 21.90
C CYS A 54 -3.39 11.24 21.46
N GLN A 55 -3.42 12.11 22.48
CA GLN A 55 -3.27 13.54 22.23
C GLN A 55 -2.21 14.16 23.14
N VAL A 56 -1.57 15.21 22.64
CA VAL A 56 -0.54 15.93 23.38
C VAL A 56 -1.25 16.88 24.33
N ASP A 57 -0.83 16.89 25.59
CA ASP A 57 -1.43 17.77 26.58
C ASP A 57 -0.96 19.20 26.34
N GLU A 58 -1.80 20.16 26.70
CA GLU A 58 -1.52 21.58 26.51
C GLU A 58 -0.46 22.06 27.53
N GLY A 59 0.41 22.98 27.10
CA GLY A 59 1.54 23.50 27.90
C GLY A 59 2.90 22.89 27.52
N GLN A 60 3.43 23.24 26.35
CA GLN A 60 4.70 22.63 25.87
C GLN A 60 5.92 23.39 26.33
N LYS A 67 12.92 16.00 25.52
CA LYS A 67 13.02 14.59 25.17
C LYS A 67 11.77 13.80 25.60
N SER A 68 10.85 14.45 26.31
CA SER A 68 9.65 13.82 26.87
C SER A 68 8.45 14.71 26.64
N ILE A 69 7.32 14.10 26.33
CA ILE A 69 6.08 14.81 26.06
C ILE A 69 5.01 14.16 26.91
N LYS A 70 4.20 14.96 27.59
CA LYS A 70 3.08 14.44 28.37
C LYS A 70 1.90 14.21 27.43
N ILE A 71 1.28 13.03 27.50
CA ILE A 71 0.15 12.72 26.62
C ILE A 71 -1.09 12.23 27.39
N THR A 72 -2.23 12.35 26.74
CA THR A 72 -3.46 11.73 27.19
C THR A 72 -3.82 10.64 26.18
N LEU A 73 -3.89 9.38 26.65
CA LEU A 73 -4.33 8.29 25.81
C LEU A 73 -5.82 8.48 25.58
N LEU A 74 -6.22 8.31 24.32
CA LEU A 74 -7.61 8.42 23.90
C LEU A 74 -8.32 7.04 23.70
N ALA A 75 -7.59 5.94 23.87
CA ALA A 75 -8.18 4.61 23.77
C ALA A 75 -7.31 3.75 24.62
N ASP A 76 -7.82 2.57 24.99
CA ASP A 76 -6.99 1.63 25.73
C ASP A 76 -5.79 1.16 24.89
N PRO A 77 -4.56 1.32 25.40
CA PRO A 77 -3.42 0.92 24.57
C PRO A 77 -3.50 -0.54 24.16
N THR A 78 -3.06 -0.87 22.96
CA THR A 78 -3.11 -2.28 22.50
C THR A 78 -1.72 -2.89 22.35
N GLY A 79 -1.48 -4.04 22.94
CA GLY A 79 -0.20 -4.67 22.75
C GLY A 79 -0.13 -5.30 21.36
N ILE A 80 1.02 -5.25 20.72
CA ILE A 80 1.13 -5.85 19.39
C ILE A 80 2.33 -6.79 19.19
N ASP A 81 2.83 -7.34 20.29
CA ASP A 81 3.97 -8.27 20.25
C ASP A 81 3.63 -9.52 19.45
N ALA A 82 4.58 -9.94 18.61
CA ALA A 82 4.50 -11.20 17.90
C ALA A 82 5.85 -11.95 17.92
N THR A 83 5.80 -13.27 17.70
CA THR A 83 6.98 -14.11 17.81
C THR A 83 7.84 -14.25 16.58
N ALA A 84 9.13 -14.02 16.75
CA ALA A 84 10.12 -14.32 15.70
C ALA A 84 11.00 -15.47 16.17
N ILE A 85 11.20 -16.46 15.33
CA ILE A 85 12.00 -17.59 15.69
C ILE A 85 13.09 -17.95 14.64
N THR A 86 14.10 -18.73 15.08
CA THR A 86 15.05 -19.32 14.17
C THR A 86 14.85 -20.79 14.30
N THR A 87 14.94 -21.51 13.21
CA THR A 87 14.96 -22.95 13.24
C THR A 87 15.83 -23.33 12.01
N PRO A 88 16.45 -24.49 12.00
CA PRO A 88 17.39 -24.75 10.89
C PRO A 88 16.76 -24.84 9.51
N LYS A 89 15.63 -25.51 9.41
CA LYS A 89 14.95 -25.70 8.13
C LYS A 89 13.46 -26.03 8.33
N VAL A 90 12.70 -26.12 7.25
CA VAL A 90 11.27 -26.43 7.35
C VAL A 90 11.08 -27.80 7.99
N GLY A 91 10.16 -27.89 8.96
CA GLY A 91 9.83 -29.19 9.61
C GLY A 91 10.55 -29.46 10.92
N GLU A 92 11.47 -28.59 11.31
CA GLU A 92 12.21 -28.74 12.59
C GLU A 92 11.50 -28.01 13.71
N SER A 93 11.97 -28.27 14.93
CA SER A 93 11.41 -27.69 16.16
C SER A 93 11.17 -26.18 16.13
N GLY A 94 9.98 -25.79 16.57
CA GLY A 94 9.55 -24.40 16.50
C GLY A 94 8.97 -23.97 15.16
N ASP A 95 9.12 -24.77 14.11
CA ASP A 95 8.57 -24.34 12.78
C ASP A 95 7.04 -24.32 12.81
N VAL A 96 6.46 -23.52 11.94
CA VAL A 96 5.03 -23.30 11.88
C VAL A 96 4.60 -23.46 10.41
N THR A 97 3.47 -24.12 10.18
CA THR A 97 2.93 -24.32 8.85
CA THR A 97 2.94 -24.30 8.84
C THR A 97 1.82 -23.29 8.60
N THR A 98 1.95 -22.51 7.54
CA THR A 98 0.91 -21.57 7.18
C THR A 98 -0.37 -22.31 6.79
N ASN A 99 -1.52 -21.86 7.30
CA ASN A 99 -2.79 -22.41 6.84
C ASN A 99 -3.81 -21.41 6.36
N ALA A 100 -3.39 -20.19 6.16
CA ALA A 100 -4.27 -19.14 5.67
C ALA A 100 -3.45 -18.10 4.98
N PRO A 101 -4.02 -17.45 3.95
CA PRO A 101 -3.38 -16.36 3.32
C PRO A 101 -3.78 -15.01 3.97
N VAL A 102 -2.82 -14.08 4.03
CA VAL A 102 -3.12 -12.68 4.34
C VAL A 102 -3.71 -12.03 3.11
N GLY A 103 -4.36 -10.89 3.35
CA GLY A 103 -4.81 -10.05 2.29
C GLY A 103 -3.65 -9.30 1.74
N SER A 104 -2.88 -8.65 2.64
CA SER A 104 -1.64 -7.95 2.29
CA SER A 104 -1.72 -7.84 2.30
C SER A 104 -0.92 -7.57 3.57
N LEU A 105 0.36 -7.19 3.44
CA LEU A 105 1.12 -6.66 4.58
C LEU A 105 1.23 -5.15 4.37
N SER A 106 0.10 -4.56 4.05
CA SER A 106 0.00 -3.13 3.87
CA SER A 106 0.00 -3.13 3.87
C SER A 106 -1.44 -2.66 4.04
N PHE A 107 -1.59 -1.43 4.56
CA PHE A 107 -2.91 -0.77 4.65
C PHE A 107 -2.65 0.71 4.83
N VAL A 108 -3.73 1.46 4.96
CA VAL A 108 -3.61 2.91 5.12
C VAL A 108 -3.41 3.25 6.58
N SER A 109 -2.39 4.03 6.85
CA SER A 109 -2.14 4.60 8.16
C SER A 109 -1.81 6.06 8.00
N GLY A 110 -2.52 6.92 8.72
CA GLY A 110 -2.34 8.38 8.50
C GLY A 110 -2.78 8.78 7.10
N TYR A 111 -1.96 9.56 6.40
CA TYR A 111 -2.21 9.99 5.06
C TYR A 111 -1.61 9.15 3.96
N SER A 112 -1.18 7.92 4.25
CA SER A 112 -0.48 7.13 3.24
CA SER A 112 -0.53 7.12 3.22
C SER A 112 -0.64 5.66 3.57
N THR A 113 -0.15 4.81 2.67
CA THR A 113 -0.04 3.35 2.89
CA THR A 113 -0.09 3.37 2.94
C THR A 113 1.22 3.06 3.66
N VAL A 114 1.20 2.05 4.51
CA VAL A 114 2.37 1.66 5.23
C VAL A 114 2.56 0.17 4.91
N ALA A 115 3.82 -0.24 4.91
CA ALA A 115 4.27 -1.61 4.57
C ALA A 115 5.24 -2.08 5.65
N PRO A 116 5.74 -3.33 5.61
CA PRO A 116 6.63 -3.73 6.70
C PRO A 116 7.78 -2.75 6.83
N PHE A 117 8.11 -2.39 8.07
CA PHE A 117 9.07 -1.33 8.33
C PHE A 117 9.92 -1.55 9.56
N GLN A 118 10.99 -0.78 9.68
CA GLN A 118 11.91 -0.88 10.77
C GLN A 118 11.52 0.09 11.85
N PHE A 119 11.32 -0.37 13.06
CA PHE A 119 11.03 0.54 14.18
C PHE A 119 12.33 1.03 14.86
N SER A 120 13.20 0.08 15.15
CA SER A 120 14.49 0.36 15.82
C SER A 120 15.51 -0.68 15.30
N GLU A 121 16.73 -0.66 15.82
CA GLU A 121 17.73 -1.62 15.40
C GLU A 121 17.31 -3.02 15.75
N ASN A 122 16.47 -3.14 16.76
CA ASN A 122 16.04 -4.48 17.29
C ASN A 122 14.63 -4.95 16.91
N THR A 123 13.85 -4.08 16.30
CA THR A 123 12.42 -4.33 16.09
C THR A 123 11.95 -3.95 14.71
N ILE A 124 11.21 -4.86 14.08
CA ILE A 124 10.52 -4.52 12.86
C ILE A 124 9.00 -4.76 13.03
N VAL A 125 8.24 -4.09 12.17
CA VAL A 125 6.80 -4.07 12.28
C VAL A 125 6.12 -4.47 10.97
N LEU A 126 5.20 -5.44 11.07
CA LEU A 126 4.34 -5.82 9.93
C LEU A 126 2.94 -5.25 10.06
N PRO A 127 2.50 -4.40 9.11
CA PRO A 127 1.06 -4.14 9.03
C PRO A 127 0.37 -5.34 8.41
N VAL A 128 -0.60 -6.01 9.07
CA VAL A 128 -1.29 -7.10 8.46
C VAL A 128 -2.77 -6.74 8.12
N LEU A 129 -3.16 -6.94 6.87
CA LEU A 129 -4.58 -6.86 6.40
C LEU A 129 -5.02 -8.34 6.19
N TYR A 130 -6.02 -8.74 6.96
CA TYR A 130 -6.43 -10.12 6.95
C TYR A 130 -7.94 -10.32 7.20
N ARG A 131 -8.41 -11.55 7.14
CA ARG A 131 -9.84 -11.83 7.21
C ARG A 131 -10.19 -12.57 8.47
N VAL A 132 -11.19 -12.09 9.20
CA VAL A 132 -11.68 -12.76 10.39
C VAL A 132 -13.14 -13.23 10.26
N LYS A 133 -13.57 -14.05 11.23
CA LYS A 133 -14.95 -14.47 11.31
C LYS A 133 -15.80 -13.30 11.77
N ASN A 134 -17.01 -13.19 11.23
CA ASN A 134 -17.92 -12.15 11.60
C ASN A 134 -18.59 -12.50 12.94
N VAL A 135 -18.06 -11.99 14.03
CA VAL A 135 -18.62 -12.23 15.34
C VAL A 135 -18.93 -10.87 15.91
N THR A 136 -19.83 -10.82 16.89
CA THR A 136 -20.29 -9.53 17.40
C THR A 136 -20.09 -9.29 18.90
N THR A 137 -20.15 -10.29 19.78
CA THR A 137 -19.89 -9.98 21.18
C THR A 137 -18.40 -9.60 21.38
N THR A 138 -18.15 -8.73 22.35
CA THR A 138 -16.80 -8.32 22.69
C THR A 138 -15.95 -9.53 23.05
N GLU A 139 -16.50 -10.45 23.83
CA GLU A 139 -15.77 -11.69 24.18
C GLU A 139 -15.42 -12.46 22.90
N ASP A 140 -16.37 -12.57 21.97
CA ASP A 140 -16.19 -13.34 20.75
C ASP A 140 -15.13 -12.73 19.83
N ILE A 141 -15.16 -11.41 19.72
CA ILE A 141 -14.22 -10.69 18.91
C ILE A 141 -12.81 -10.92 19.45
N LYS A 142 -12.67 -10.83 20.77
CA LYS A 142 -11.37 -11.03 21.42
C LYS A 142 -10.90 -12.45 21.22
N ASN A 143 -11.81 -13.40 21.39
CA ASN A 143 -11.49 -14.84 21.19
C ASN A 143 -11.07 -15.18 19.72
N GLU A 144 -11.74 -14.53 18.77
CA GLU A 144 -11.51 -14.70 17.35
C GLU A 144 -10.14 -14.15 17.01
N LEU A 145 -9.84 -12.94 17.48
CA LEU A 145 -8.52 -12.34 17.23
C LEU A 145 -7.37 -13.19 17.73
N ALA A 146 -7.55 -13.85 18.88
CA ALA A 146 -6.56 -14.74 19.47
C ALA A 146 -6.26 -16.00 18.64
N LYS A 147 -7.15 -16.36 17.72
CA LYS A 147 -6.90 -17.50 16.85
C LYS A 147 -5.82 -17.26 15.77
N HIS A 148 -5.50 -15.99 15.48
CA HIS A 148 -4.61 -15.67 14.41
C HIS A 148 -3.21 -15.41 14.93
N THR A 149 -2.25 -16.18 14.47
CA THR A 149 -0.86 -15.98 14.88
C THR A 149 0.00 -15.79 13.66
N PHE A 150 0.82 -14.74 13.72
CA PHE A 150 1.69 -14.31 12.64
C PHE A 150 3.11 -14.46 13.16
N THR A 151 3.76 -15.55 12.77
CA THR A 151 5.11 -15.84 13.25
C THR A 151 6.13 -15.63 12.16
N LEU A 152 7.18 -14.85 12.45
CA LEU A 152 8.31 -14.73 11.49
C LEU A 152 9.33 -15.80 11.77
N VAL A 153 9.71 -16.54 10.70
CA VAL A 153 10.68 -17.63 10.83
C VAL A 153 11.91 -17.35 9.95
N CYS A 154 13.07 -17.43 10.57
CA CYS A 154 14.37 -17.46 9.91
C CYS A 154 14.86 -18.91 9.89
N TYR A 155 15.02 -19.46 8.68
CA TYR A 155 15.57 -20.82 8.51
C TYR A 155 17.07 -20.68 8.41
N THR A 156 17.76 -21.05 9.48
CA THR A 156 19.17 -20.70 9.54
C THR A 156 20.09 -21.50 8.59
N ASP A 157 19.69 -22.71 8.17
CA ASP A 157 20.44 -23.45 7.14
C ASP A 157 20.57 -22.66 5.85
N ASP A 158 19.66 -21.75 5.58
CA ASP A 158 19.70 -20.97 4.35
C ASP A 158 20.68 -19.82 4.36
N ILE A 159 21.26 -19.53 5.53
CA ILE A 159 22.20 -18.41 5.64
C ILE A 159 23.59 -18.86 5.30
N LYS A 160 24.13 -18.33 4.22
CA LYS A 160 25.48 -18.66 3.81
C LYS A 160 26.50 -17.57 4.14
N SER A 161 27.76 -17.96 4.16
CA SER A 161 28.87 -17.07 4.38
C SER A 161 28.81 -15.89 3.41
N GLY A 162 28.90 -14.66 3.94
CA GLY A 162 28.78 -13.43 3.14
C GLY A 162 27.39 -12.86 2.86
N ASP A 163 26.34 -13.64 3.08
CA ASP A 163 24.97 -13.21 2.77
CA ASP A 163 24.93 -13.22 2.81
C ASP A 163 24.70 -11.82 3.35
N THR A 164 24.25 -10.89 2.50
CA THR A 164 23.88 -9.53 2.93
C THR A 164 22.34 -9.32 3.12
N ILE A 165 21.55 -10.36 2.89
CA ILE A 165 20.08 -10.26 2.92
C ILE A 165 19.57 -11.20 3.95
N LEU A 166 18.77 -10.72 4.89
CA LEU A 166 18.17 -11.62 5.90
C LEU A 166 16.73 -11.89 5.49
N LYS A 167 16.42 -13.15 5.18
CA LYS A 167 15.12 -13.51 4.63
C LYS A 167 14.29 -14.15 5.74
N LEU A 168 13.11 -13.60 5.96
CA LEU A 168 12.19 -14.11 6.98
C LEU A 168 10.85 -14.55 6.35
N TYR A 169 10.36 -15.74 6.71
CA TYR A 169 9.07 -16.20 6.20
C TYR A 169 7.96 -15.85 7.19
N LEU A 170 6.89 -15.20 6.74
CA LEU A 170 5.67 -15.06 7.59
C LEU A 170 4.89 -16.35 7.57
N ARG A 171 4.80 -17.00 8.72
CA ARG A 171 3.97 -18.15 8.86
C ARG A 171 2.69 -17.79 9.63
N TYR A 172 1.55 -17.88 8.94
CA TYR A 172 0.25 -17.41 9.44
C TYR A 172 -0.62 -18.60 9.66
N LYS A 173 -0.94 -18.84 10.93
CA LYS A 173 -1.73 -19.95 11.34
C LYS A 173 -3.01 -19.43 12.03
N VAL A 174 -4.16 -19.94 11.57
CA VAL A 174 -5.47 -19.74 12.21
C VAL A 174 -5.81 -21.01 12.96
N GLU A 175 -6.12 -20.90 14.26
CA GLU A 175 -6.48 -22.07 15.09
C GLU A 175 -7.96 -22.35 14.92
N ASP A 176 -8.28 -22.98 13.80
CA ASP A 176 -9.66 -23.40 13.51
C ASP A 176 -9.64 -24.47 12.42
N GLU A 177 -10.80 -25.02 12.14
CA GLU A 177 -10.94 -26.08 11.13
C GLU A 177 -10.80 -25.53 9.71
N PRO A 178 -10.26 -26.34 8.80
CA PRO A 178 -9.99 -25.85 7.42
C PRO A 178 -11.17 -25.15 6.70
N ALA A 179 -12.38 -25.70 6.79
CA ALA A 179 -13.55 -25.09 6.16
C ALA A 179 -13.91 -23.75 6.80
N ALA A 180 -13.80 -23.65 8.12
CA ALA A 180 -14.09 -22.38 8.80
C ALA A 180 -13.06 -21.31 8.48
N ILE A 181 -11.80 -21.71 8.29
CA ILE A 181 -10.79 -20.77 7.82
C ILE A 181 -11.19 -20.19 6.46
N ALA A 182 -11.52 -21.09 5.54
CA ALA A 182 -11.90 -20.71 4.17
C ALA A 182 -13.06 -19.71 4.10
N GLU A 183 -14.01 -19.77 5.05
CA GLU A 183 -15.17 -18.90 5.04
C GLU A 183 -14.93 -17.47 5.57
N ARG A 184 -13.83 -17.24 6.30
CA ARG A 184 -13.61 -15.94 6.90
C ARG A 184 -13.51 -14.86 5.83
N ALA A 185 -14.27 -13.80 6.01
CA ALA A 185 -14.40 -12.71 5.03
C ALA A 185 -14.45 -11.31 5.61
N THR A 186 -14.28 -11.16 6.91
CA THR A 186 -14.39 -9.84 7.54
C THR A 186 -13.01 -9.16 7.58
N ARG A 187 -12.86 -8.05 6.87
CA ARG A 187 -11.59 -7.39 6.78
C ARG A 187 -11.18 -6.76 8.12
N THR A 188 -9.94 -7.00 8.52
CA THR A 188 -9.33 -6.53 9.77
CA THR A 188 -9.40 -6.33 9.69
C THR A 188 -7.91 -6.07 9.49
N SER A 189 -7.43 -5.05 10.21
CA SER A 189 -6.04 -4.61 10.10
C SER A 189 -5.42 -4.65 11.50
N SER A 190 -4.16 -5.06 11.57
CA SER A 190 -3.39 -5.03 12.81
C SER A 190 -1.92 -4.79 12.54
N PHE A 191 -1.23 -4.11 13.44
CA PHE A 191 0.23 -4.12 13.41
C PHE A 191 0.75 -5.27 14.27
N LYS A 192 1.83 -5.92 13.82
CA LYS A 192 2.52 -6.97 14.61
C LYS A 192 3.99 -6.57 14.69
N ALA A 193 4.49 -6.47 15.91
CA ALA A 193 5.86 -6.06 16.16
C ALA A 193 6.71 -7.25 16.61
N TYR A 194 7.93 -7.34 16.06
CA TYR A 194 8.85 -8.47 16.21
C TYR A 194 10.21 -8.03 16.71
N GLU A 195 10.56 -8.54 17.88
CA GLU A 195 11.94 -8.34 18.38
C GLU A 195 12.84 -9.33 17.67
N ILE A 196 13.80 -8.85 16.92
CA ILE A 196 14.59 -9.69 16.04
C ILE A 196 16.10 -9.79 16.43
N SER A 197 16.47 -9.38 17.66
CA SER A 197 17.87 -9.40 18.06
CA SER A 197 17.88 -9.39 18.05
C SER A 197 18.44 -10.81 18.03
N GLN A 198 17.64 -11.77 18.42
CA GLN A 198 18.14 -13.15 18.41
C GLN A 198 18.34 -13.64 16.97
N ILE A 199 17.45 -13.21 16.08
CA ILE A 199 17.55 -13.57 14.67
CA ILE A 199 17.55 -13.59 14.68
C ILE A 199 18.80 -12.95 14.07
N LEU A 200 18.99 -11.66 14.35
CA LEU A 200 20.18 -10.93 13.87
C LEU A 200 21.47 -11.54 14.39
N ARG A 201 21.51 -11.98 15.64
CA ARG A 201 22.68 -12.61 16.23
CA ARG A 201 22.67 -12.65 16.24
C ARG A 201 23.06 -13.88 15.43
N GLU A 202 22.06 -14.74 15.15
CA GLU A 202 22.28 -15.98 14.38
C GLU A 202 22.68 -15.71 12.95
N TYR A 203 22.10 -14.69 12.36
CA TYR A 203 22.43 -14.28 11.02
C TYR A 203 23.90 -13.82 10.93
N THR A 204 24.33 -13.05 11.92
CA THR A 204 25.74 -12.66 12.02
C THR A 204 26.68 -13.85 12.16
N LEU A 205 26.33 -14.80 13.01
CA LEU A 205 27.21 -15.95 13.22
C LEU A 205 27.34 -16.80 11.95
N LYS A 206 26.28 -16.95 11.16
CA LYS A 206 26.32 -17.80 9.95
C LYS A 206 26.87 -17.07 8.73
N SER A 207 26.57 -15.77 8.60
CA SER A 207 27.04 -15.00 7.46
C SER A 207 28.43 -14.34 7.63
N GLY A 208 28.83 -14.09 8.88
CA GLY A 208 30.02 -13.33 9.18
C GLY A 208 29.80 -11.83 9.02
N GLN A 209 28.61 -11.39 8.65
CA GLN A 209 28.35 -9.97 8.46
C GLN A 209 27.86 -9.32 9.78
N THR A 210 28.25 -8.07 10.04
CA THR A 210 27.83 -7.37 11.28
C THR A 210 26.34 -7.01 11.27
N LYS A 211 25.78 -6.87 10.07
CA LYS A 211 24.38 -6.54 9.87
C LYS A 211 23.98 -6.77 8.41
N PRO A 212 22.71 -7.06 8.16
CA PRO A 212 22.28 -7.25 6.78
C PRO A 212 22.10 -5.91 6.13
N ALA A 213 22.24 -5.83 4.81
CA ALA A 213 21.83 -4.61 4.06
C ALA A 213 20.29 -4.52 4.06
N LYS A 214 19.60 -5.65 3.98
CA LYS A 214 18.13 -5.62 3.96
C LYS A 214 17.53 -6.86 4.57
N ILE A 215 16.33 -6.69 5.08
CA ILE A 215 15.52 -7.79 5.59
C ILE A 215 14.38 -7.98 4.60
N THR A 216 14.13 -9.23 4.21
CA THR A 216 13.02 -9.46 3.30
C THR A 216 11.99 -10.30 4.03
N ILE A 217 10.74 -9.99 3.76
CA ILE A 217 9.61 -10.68 4.42
C ILE A 217 8.83 -11.38 3.31
N VAL A 218 8.72 -12.69 3.40
CA VAL A 218 8.10 -13.50 2.39
C VAL A 218 6.69 -13.92 2.88
N ALA A 219 5.63 -13.44 2.22
CA ALA A 219 4.22 -13.77 2.63
C ALA A 219 3.43 -14.51 1.54
N GLN A 220 2.54 -15.42 1.95
CA GLN A 220 1.48 -15.97 1.06
C GLN A 220 0.23 -15.12 1.22
N GLN A 221 -0.15 -14.47 0.13
CA GLN A 221 -1.29 -13.58 0.21
C GLN A 221 -2.27 -13.84 -0.90
N ASN A 222 -3.52 -13.45 -0.64
CA ASN A 222 -4.62 -13.71 -1.60
C ASN A 222 -5.58 -12.54 -1.44
N GLU A 223 -5.69 -11.75 -2.49
CA GLU A 223 -6.48 -10.53 -2.52
C GLU A 223 -7.99 -10.82 -2.63
N TYR A 224 -8.38 -12.06 -2.94
CA TYR A 224 -9.80 -12.36 -3.26
C TYR A 224 -10.57 -13.17 -2.25
N ASN A 225 -9.92 -14.13 -1.61
CA ASN A 225 -10.61 -15.02 -0.67
C ASN A 225 -9.61 -15.55 0.35
N ASN A 226 -10.10 -16.30 1.31
CA ASN A 226 -9.26 -16.80 2.35
C ASN A 226 -8.81 -18.22 2.18
N LYS A 227 -8.75 -18.70 0.94
CA LYS A 227 -8.34 -20.08 0.69
C LYS A 227 -6.86 -20.14 0.34
N LEU A 228 -6.06 -20.82 1.16
CA LEU A 228 -4.61 -20.87 0.93
C LEU A 228 -4.28 -21.53 -0.43
N GLU A 229 -4.90 -22.66 -0.69
CA GLU A 229 -4.68 -23.46 -1.92
C GLU A 229 -5.44 -22.96 -3.16
N ASP A 230 -5.92 -21.73 -3.12
CA ASP A 230 -6.54 -21.12 -4.27
C ASP A 230 -5.50 -20.65 -5.28
N THR A 231 -5.85 -20.67 -6.58
CA THR A 231 -4.95 -20.19 -7.59
C THR A 231 -4.73 -18.66 -7.46
N SER A 232 -5.52 -17.94 -6.65
CA SER A 232 -5.24 -16.53 -6.39
C SER A 232 -4.20 -16.25 -5.30
N THR A 233 -3.77 -17.27 -4.57
CA THR A 233 -2.78 -17.12 -3.53
C THR A 233 -1.45 -16.95 -4.23
N ILE A 234 -0.74 -15.86 -3.93
CA ILE A 234 0.57 -15.59 -4.50
C ILE A 234 1.58 -15.43 -3.38
N GLU A 235 2.85 -15.51 -3.75
CA GLU A 235 3.90 -15.17 -2.85
C GLU A 235 4.31 -13.76 -3.11
N LYS A 236 4.45 -12.99 -2.06
CA LYS A 236 4.95 -11.66 -2.17
C LYS A 236 6.10 -11.39 -1.17
N VAL A 237 7.15 -10.76 -1.67
CA VAL A 237 8.34 -10.43 -0.91
C VAL A 237 8.34 -8.93 -0.61
N TYR A 238 8.38 -8.52 0.66
CA TYR A 238 8.42 -7.08 1.02
C TYR A 238 9.84 -6.74 1.53
N GLU A 239 10.38 -5.58 1.17
CA GLU A 239 11.75 -5.30 1.55
C GLU A 239 11.83 -4.24 2.66
N ILE A 240 12.73 -4.47 3.62
CA ILE A 240 13.07 -3.45 4.63
C ILE A 240 14.56 -3.09 4.57
N GLU A 241 14.89 -1.87 4.19
CA GLU A 241 16.30 -1.45 4.21
C GLU A 241 16.74 -1.35 5.69
N TYR A 242 17.74 -2.12 6.11
CA TYR A 242 18.08 -2.21 7.52
C TYR A 242 19.07 -1.11 7.91
N LYS A 243 18.66 -0.23 8.82
CA LYS A 243 19.48 0.92 9.22
C LYS A 243 19.96 0.83 10.64
N THR A 244 21.16 1.36 10.89
CA THR A 244 21.70 1.43 12.26
C THR A 244 22.31 2.78 12.47
N ALA A 245 22.46 3.19 13.73
CA ALA A 245 23.25 4.41 14.01
C ALA A 245 24.74 4.27 13.61
N GLU A 246 25.29 3.04 13.62
CA GLU A 246 26.72 2.78 13.32
C GLU A 246 27.01 2.51 11.84
N GLN B 10 14.91 -39.40 41.34
CA GLN B 10 16.06 -38.45 41.39
C GLN B 10 15.57 -37.01 41.44
N GLN B 11 16.08 -36.23 42.41
CA GLN B 11 15.71 -34.81 42.60
C GLN B 11 16.77 -33.87 42.08
N TRP B 12 16.34 -32.75 41.50
CA TRP B 12 17.25 -31.79 40.88
C TRP B 12 16.73 -30.39 41.18
N ALA B 13 17.64 -29.43 41.32
CA ALA B 13 17.27 -28.00 41.37
C ALA B 13 18.25 -27.26 40.50
N GLY B 14 17.78 -26.23 39.81
CA GLY B 14 18.64 -25.53 38.94
C GLY B 14 17.94 -24.52 38.05
N VAL B 15 18.77 -23.85 37.26
CA VAL B 15 18.35 -22.77 36.38
C VAL B 15 17.84 -23.38 35.07
N VAL B 16 16.72 -22.85 34.57
CA VAL B 16 16.08 -23.34 33.37
C VAL B 16 15.46 -22.26 32.52
N LYS B 17 15.30 -22.53 31.23
CA LYS B 17 14.52 -21.66 30.37
C LYS B 17 13.04 -22.03 30.52
N VAL B 18 12.17 -21.03 30.43
CA VAL B 18 10.73 -21.20 30.56
C VAL B 18 10.12 -21.17 29.18
N ASN B 19 9.44 -22.24 28.76
CA ASN B 19 8.81 -22.25 27.41
C ASN B 19 7.29 -22.07 27.49
N ASP B 20 6.73 -21.37 26.52
CA ASP B 20 5.28 -21.32 26.33
C ASP B 20 4.88 -22.31 25.21
N ARG B 21 4.30 -23.46 25.57
CA ARG B 21 3.74 -24.44 24.57
C ARG B 21 2.19 -24.43 24.55
N GLY B 23 0.03 -22.20 25.46
CA GLY B 23 -0.49 -21.77 26.77
C GLY B 23 0.02 -22.57 27.96
N TYR B 24 0.56 -23.78 27.76
CA TYR B 24 1.16 -24.54 28.86
C TYR B 24 2.65 -24.17 29.05
N VAL B 25 3.11 -24.24 30.29
CA VAL B 25 4.50 -23.94 30.59
C VAL B 25 5.32 -25.21 30.72
N THR B 26 6.43 -25.24 29.98
CA THR B 26 7.43 -26.28 30.13
CA THR B 26 7.44 -26.28 30.19
C THR B 26 8.78 -25.61 30.41
N PHE B 27 9.80 -26.39 30.76
CA PHE B 27 11.13 -25.84 30.96
C PHE B 27 12.19 -26.53 30.09
N THR B 28 13.32 -25.84 29.87
CA THR B 28 14.49 -26.44 29.21
C THR B 28 15.72 -26.24 30.07
N ASP B 29 16.39 -27.33 30.47
CA ASP B 29 17.63 -27.19 31.25
C ASP B 29 18.81 -26.82 30.37
N ALA B 30 19.95 -26.59 31.03
CA ALA B 30 21.18 -26.18 30.35
C ALA B 30 21.71 -27.23 29.37
N ALA B 31 21.38 -28.49 29.63
CA ALA B 31 21.70 -29.59 28.72
C ALA B 31 20.77 -29.64 27.48
N GLY B 32 19.71 -28.84 27.44
CA GLY B 32 18.78 -28.82 26.31
C GLY B 32 17.58 -29.75 26.46
N THR B 33 17.47 -30.44 27.60
CA THR B 33 16.37 -31.39 27.84
C THR B 33 15.09 -30.62 28.21
N GLU B 34 13.99 -30.96 27.56
CA GLU B 34 12.71 -30.36 27.90
C GLU B 34 12.06 -31.06 29.11
N LEU B 35 11.75 -30.27 30.13
CA LEU B 35 11.14 -30.74 31.38
C LEU B 35 9.65 -30.39 31.39
N ILE B 36 8.79 -31.42 31.40
CA ILE B 36 7.32 -31.29 31.29
CA ILE B 36 7.33 -31.28 31.28
C ILE B 36 6.66 -31.56 32.64
N PRO B 37 6.12 -30.50 33.26
CA PRO B 37 5.48 -30.66 34.57
C PRO B 37 4.20 -31.47 34.48
N THR B 38 4.04 -32.42 35.40
CA THR B 38 2.83 -33.18 35.54
C THR B 38 1.98 -32.71 36.77
N ASN B 39 2.43 -31.70 37.49
CA ASN B 39 1.62 -31.14 38.60
C ASN B 39 0.17 -30.88 38.16
N THR B 40 -0.79 -31.11 39.05
CA THR B 40 -2.20 -30.94 38.72
C THR B 40 -2.69 -29.50 38.79
N ILE B 41 -2.03 -28.64 39.56
CA ILE B 41 -2.33 -27.19 39.51
C ILE B 41 -1.46 -26.59 38.39
N PRO B 42 -2.07 -25.87 37.43
CA PRO B 42 -1.30 -25.33 36.32
C PRO B 42 -0.18 -24.41 36.75
N VAL B 43 0.94 -24.48 36.02
CA VAL B 43 2.06 -23.58 36.20
C VAL B 43 1.70 -22.29 35.45
N THR B 44 1.78 -21.17 36.15
CA THR B 44 1.41 -19.87 35.58
C THR B 44 2.54 -18.82 35.58
N LEU B 45 3.75 -19.24 35.92
CA LEU B 45 4.95 -18.39 35.87
C LEU B 45 5.07 -17.61 34.55
N ASN B 46 5.12 -16.31 34.68
CA ASN B 46 5.37 -15.43 33.57
C ASN B 46 6.85 -14.95 33.67
N ALA B 47 7.74 -15.65 33.00
CA ALA B 47 9.16 -15.32 33.04
C ALA B 47 9.84 -16.03 31.91
N ARG B 48 11.04 -15.55 31.58
CA ARG B 48 11.82 -16.09 30.48
C ARG B 48 12.76 -17.16 31.02
N ALA B 50 13.94 -19.28 34.92
CA ALA B 50 13.50 -19.66 36.21
C ALA B 50 14.54 -20.50 36.94
N TYR B 51 14.33 -20.62 38.24
CA TYR B 51 14.99 -21.61 39.06
C TYR B 51 13.91 -22.58 39.54
N ILE B 52 14.09 -23.89 39.34
CA ILE B 52 13.09 -24.88 39.78
C ILE B 52 13.70 -25.95 40.64
N TYR B 53 12.84 -26.58 41.45
CA TYR B 53 13.15 -27.74 42.27
CA TYR B 53 13.18 -27.74 42.27
C TYR B 53 12.21 -28.82 41.76
N CYS B 54 12.75 -29.93 41.26
CA CYS B 54 11.91 -30.95 40.67
C CYS B 54 12.41 -32.35 40.93
N GLN B 55 11.57 -33.31 40.54
CA GLN B 55 11.84 -34.73 40.63
C GLN B 55 11.39 -35.31 39.29
N VAL B 56 12.16 -36.26 38.74
CA VAL B 56 11.78 -36.95 37.51
CA VAL B 56 11.80 -36.97 37.52
C VAL B 56 10.65 -37.93 37.83
N ASP B 57 9.62 -37.97 36.99
CA ASP B 57 8.53 -38.93 37.22
C ASP B 57 9.03 -40.31 36.83
N GLU B 58 8.54 -41.34 37.54
CA GLU B 58 8.94 -42.74 37.27
C GLU B 58 8.30 -43.24 35.98
N GLY B 59 8.92 -44.28 35.39
CA GLY B 59 8.59 -44.78 34.03
C GLY B 59 9.63 -44.30 33.02
N GLN B 60 10.89 -44.72 33.22
CA GLN B 60 12.05 -44.24 32.42
C GLN B 60 11.87 -44.31 30.90
N PRO B 66 14.63 -39.27 25.96
CA PRO B 66 15.85 -38.57 25.61
C PRO B 66 15.63 -37.05 25.59
N LYS B 67 14.72 -36.58 24.74
CA LYS B 67 14.54 -35.12 24.54
C LYS B 67 13.66 -34.50 25.61
N SER B 68 12.53 -35.15 25.89
CA SER B 68 11.50 -34.67 26.82
C SER B 68 11.44 -35.57 28.04
N ILE B 69 11.26 -34.98 29.22
CA ILE B 69 11.11 -35.76 30.45
C ILE B 69 10.02 -35.18 31.32
N LYS B 70 9.17 -36.05 31.84
CA LYS B 70 8.05 -35.62 32.70
C LYS B 70 8.61 -35.42 34.09
N ILE B 71 8.27 -34.29 34.70
CA ILE B 71 8.75 -33.94 36.04
C ILE B 71 7.59 -33.48 36.96
N THR B 72 7.84 -33.58 38.27
CA THR B 72 6.99 -33.00 39.28
C THR B 72 7.72 -31.85 39.92
N LEU B 73 7.14 -30.67 39.87
CA LEU B 73 7.72 -29.53 40.54
C LEU B 73 7.53 -29.73 42.04
N LEU B 74 8.60 -29.49 42.79
CA LEU B 74 8.59 -29.73 44.25
C LEU B 74 8.46 -28.41 45.02
N ALA B 75 8.37 -27.32 44.29
CA ALA B 75 8.21 -26.00 44.88
C ALA B 75 7.68 -25.11 43.78
N ASP B 76 7.11 -23.97 44.17
CA ASP B 76 6.66 -22.96 43.19
C ASP B 76 7.85 -22.41 42.38
N PRO B 77 7.81 -22.51 41.06
CA PRO B 77 8.92 -22.02 40.25
C PRO B 77 9.20 -20.55 40.47
N THR B 78 10.46 -20.14 40.47
CA THR B 78 10.82 -18.76 40.75
C THR B 78 11.40 -18.15 39.50
N GLY B 79 10.86 -17.01 39.08
CA GLY B 79 11.40 -16.34 37.94
C GLY B 79 12.69 -15.64 38.36
N ILE B 80 13.69 -15.59 37.47
CA ILE B 80 14.98 -15.02 37.83
C ILE B 80 15.48 -14.02 36.80
N ASP B 81 14.57 -13.47 35.99
CA ASP B 81 14.98 -12.51 34.93
C ASP B 81 15.48 -11.21 35.60
N ALA B 82 16.52 -10.61 35.01
CA ALA B 82 17.08 -9.35 35.44
C ALA B 82 17.47 -8.60 34.16
N THR B 83 17.69 -7.31 34.28
CA THR B 83 17.80 -6.44 33.12
C THR B 83 19.24 -6.20 32.69
N ALA B 84 19.49 -6.31 31.39
CA ALA B 84 20.78 -5.99 30.80
C ALA B 84 20.52 -4.78 29.90
N ILE B 85 21.34 -3.76 30.00
CA ILE B 85 21.11 -2.58 29.19
C ILE B 85 22.40 -2.13 28.46
N THR B 86 22.24 -1.39 27.36
CA THR B 86 23.34 -0.69 26.72
C THR B 86 23.07 0.79 26.95
N THR B 87 24.12 1.55 27.17
CA THR B 87 24.02 3.00 27.20
C THR B 87 25.41 3.49 26.82
N PRO B 88 25.55 4.71 26.30
CA PRO B 88 26.87 5.08 25.80
C PRO B 88 27.98 5.21 26.85
N LYS B 89 27.68 5.80 27.99
CA LYS B 89 28.67 6.00 29.04
C LYS B 89 27.98 6.27 30.38
N VAL B 90 28.74 6.18 31.46
CA VAL B 90 28.23 6.39 32.81
C VAL B 90 27.50 7.72 32.86
N GLY B 91 26.30 7.71 33.43
CA GLY B 91 25.51 8.94 33.58
C GLY B 91 24.48 9.17 32.48
N GLU B 92 24.32 8.22 31.56
CA GLU B 92 23.40 8.37 30.46
C GLU B 92 22.11 7.64 30.73
N SER B 93 21.09 8.00 29.96
CA SER B 93 19.76 7.37 30.03
C SER B 93 19.83 5.86 30.21
N GLY B 94 19.15 5.39 31.24
CA GLY B 94 19.10 3.97 31.54
C GLY B 94 20.27 3.49 32.38
N ASP B 95 21.28 4.33 32.60
CA ASP B 95 22.40 3.95 33.47
C ASP B 95 21.91 3.87 34.91
N VAL B 96 22.57 3.05 35.69
CA VAL B 96 22.20 2.78 37.06
C VAL B 96 23.46 3.00 37.88
N THR B 97 23.30 3.59 39.07
CA THR B 97 24.40 3.87 40.00
C THR B 97 24.31 2.86 41.12
N THR B 98 25.41 2.14 41.33
CA THR B 98 25.49 1.19 42.43
C THR B 98 25.48 1.94 43.78
N ASN B 99 24.71 1.44 44.74
CA ASN B 99 24.70 2.02 46.11
C ASN B 99 24.87 0.99 47.21
N ALA B 100 25.23 -0.24 46.85
CA ALA B 100 25.50 -1.31 47.82
C ALA B 100 26.52 -2.27 47.21
N PRO B 101 27.39 -2.87 48.03
CA PRO B 101 28.26 -3.90 47.52
C PRO B 101 27.61 -5.25 47.64
N VAL B 102 27.77 -6.11 46.64
CA VAL B 102 27.42 -7.51 46.78
C VAL B 102 28.44 -8.18 47.68
N GLY B 103 28.09 -9.35 48.17
CA GLY B 103 29.04 -10.17 48.90
C GLY B 103 30.02 -10.86 47.96
N SER B 104 29.46 -11.52 46.93
CA SER B 104 30.25 -12.24 45.93
C SER B 104 29.35 -12.67 44.77
N LEU B 105 29.97 -12.97 43.64
CA LEU B 105 29.25 -13.62 42.55
C LEU B 105 29.68 -15.10 42.44
N SER B 106 30.43 -15.57 43.42
CA SER B 106 30.92 -16.93 43.36
C SER B 106 31.00 -17.48 44.74
N PHE B 107 30.37 -18.63 44.96
CA PHE B 107 30.30 -19.24 46.30
C PHE B 107 29.79 -20.68 46.18
N VAL B 108 29.68 -21.39 47.31
CA VAL B 108 29.11 -22.75 47.34
C VAL B 108 27.62 -22.78 47.75
N TYR B 111 26.85 -28.42 47.59
CA TYR B 111 28.28 -28.52 47.88
C TYR B 111 29.09 -28.44 46.58
N SER B 112 28.63 -27.58 45.66
CA SER B 112 29.27 -27.25 44.38
C SER B 112 29.54 -25.74 44.34
N THR B 113 30.60 -25.33 43.63
CA THR B 113 30.98 -23.90 43.51
C THR B 113 30.38 -23.28 42.23
N VAL B 114 29.67 -22.17 42.39
CA VAL B 114 28.97 -21.52 41.29
C VAL B 114 29.66 -20.22 41.04
N ALA B 115 29.70 -19.83 39.78
CA ALA B 115 30.24 -18.54 39.36
C ALA B 115 29.45 -18.05 38.16
N PRO B 116 29.67 -16.79 37.74
CA PRO B 116 28.91 -16.38 36.56
C PRO B 116 29.13 -17.35 35.39
N PHE B 117 28.08 -17.72 34.65
CA PHE B 117 28.19 -18.71 33.60
C PHE B 117 27.24 -18.39 32.42
N GLN B 118 27.51 -19.05 31.30
CA GLN B 118 26.67 -18.91 30.12
C GLN B 118 25.64 -20.02 30.13
N PHE B 119 24.37 -19.69 29.96
CA PHE B 119 23.30 -20.68 29.88
C PHE B 119 23.03 -21.08 28.41
N SER B 120 23.07 -20.11 27.50
CA SER B 120 22.79 -20.36 26.10
C SER B 120 23.52 -19.27 25.31
N GLU B 121 23.39 -19.30 24.00
CA GLU B 121 24.01 -18.22 23.22
C GLU B 121 23.42 -16.83 23.53
N ASN B 122 22.20 -16.79 24.04
CA ASN B 122 21.50 -15.53 24.34
C ASN B 122 21.43 -15.15 25.82
N THR B 123 21.86 -16.03 26.71
CA THR B 123 21.62 -15.81 28.11
C THR B 123 22.82 -16.16 28.98
N ILE B 124 23.18 -15.24 29.87
CA ILE B 124 24.16 -15.54 30.93
C ILE B 124 23.49 -15.44 32.29
N VAL B 125 24.09 -16.10 33.27
CA VAL B 125 23.53 -16.22 34.61
C VAL B 125 24.61 -15.82 35.66
N LEU B 126 24.22 -14.93 36.58
CA LEU B 126 25.06 -14.54 37.73
C LEU B 126 24.48 -15.13 39.00
N PRO B 127 25.26 -15.96 39.70
CA PRO B 127 24.84 -16.21 41.09
C PRO B 127 25.18 -14.94 41.87
N VAL B 128 24.36 -14.57 42.84
CA VAL B 128 24.60 -13.39 43.66
CA VAL B 128 24.65 -13.40 43.67
C VAL B 128 24.45 -13.73 45.14
N LEU B 129 25.49 -13.44 45.93
CA LEU B 129 25.45 -13.56 47.38
C LEU B 129 25.36 -12.13 47.90
N TYR B 130 24.37 -11.82 48.72
CA TYR B 130 24.16 -10.44 49.11
C TYR B 130 23.43 -10.36 50.45
N ARG B 131 23.34 -9.16 51.00
CA ARG B 131 22.78 -8.96 52.35
C ARG B 131 21.41 -8.26 52.29
N VAL B 132 20.46 -8.82 53.02
CA VAL B 132 19.13 -8.27 53.15
C VAL B 132 18.82 -7.85 54.60
N LYS B 133 17.73 -7.13 54.73
CA LYS B 133 17.21 -6.74 56.04
C LYS B 133 16.61 -7.99 56.64
N ASN B 134 16.76 -8.13 57.94
CA ASN B 134 16.26 -9.30 58.64
C ASN B 134 14.75 -9.11 58.91
N VAL B 135 13.93 -9.51 57.95
CA VAL B 135 12.48 -9.44 58.09
C VAL B 135 11.92 -10.86 58.18
N THR B 136 10.65 -10.96 58.62
CA THR B 136 10.00 -12.24 58.91
C THR B 136 8.59 -12.51 58.28
N THR B 137 7.69 -11.53 58.17
CA THR B 137 6.45 -11.81 57.46
C THR B 137 6.77 -12.09 55.98
N THR B 138 6.04 -13.06 55.42
CA THR B 138 6.13 -13.42 54.03
C THR B 138 5.93 -12.19 53.20
N GLU B 139 5.00 -11.30 53.58
CA GLU B 139 4.85 -10.05 52.80
C GLU B 139 6.13 -9.21 52.87
N ASP B 140 6.73 -9.14 54.05
CA ASP B 140 7.92 -8.31 54.26
C ASP B 140 9.13 -8.89 53.55
N ILE B 141 9.27 -10.23 53.56
CA ILE B 141 10.34 -10.89 52.83
C ILE B 141 10.20 -10.57 51.35
N LYS B 142 9.00 -10.71 50.81
CA LYS B 142 8.77 -10.36 49.39
C LYS B 142 9.01 -8.89 49.12
N ASN B 143 8.52 -8.02 50.01
CA ASN B 143 8.75 -6.57 49.85
C ASN B 143 10.26 -6.21 49.91
N GLU B 144 10.98 -6.87 50.82
CA GLU B 144 12.44 -6.68 50.96
C GLU B 144 13.20 -7.09 49.69
N LEU B 145 12.94 -8.33 49.22
CA LEU B 145 13.60 -8.83 48.02
C LEU B 145 13.37 -7.91 46.82
N ALA B 146 12.17 -7.38 46.71
CA ALA B 146 11.87 -6.45 45.62
C ALA B 146 12.69 -5.14 45.61
N LYS B 147 13.36 -4.80 46.72
CA LYS B 147 14.20 -3.62 46.77
C LYS B 147 15.59 -3.79 46.12
N HIS B 148 15.96 -5.02 45.80
CA HIS B 148 17.32 -5.32 45.28
C HIS B 148 17.28 -5.50 43.77
N THR B 149 17.97 -4.64 43.03
CA THR B 149 18.04 -4.81 41.58
C THR B 149 19.47 -4.95 41.16
N PHE B 150 19.70 -5.94 40.30
CA PHE B 150 21.04 -6.25 39.77
C PHE B 150 20.99 -6.05 38.26
N THR B 151 21.51 -4.93 37.79
CA THR B 151 21.45 -4.58 36.37
C THR B 151 22.81 -4.67 35.73
N LEU B 152 22.93 -5.43 34.64
CA LEU B 152 24.19 -5.46 33.85
C LEU B 152 24.13 -4.38 32.81
N VAL B 153 25.19 -3.57 32.76
CA VAL B 153 25.28 -2.42 31.89
C VAL B 153 26.49 -2.54 30.96
N CYS B 154 26.23 -2.36 29.68
CA CYS B 154 27.26 -2.26 28.67
C CYS B 154 27.40 -0.83 28.26
N TYR B 155 28.58 -0.24 28.48
CA TYR B 155 28.85 1.15 28.05
C TYR B 155 29.40 1.06 26.65
N THR B 156 28.59 1.44 25.66
CA THR B 156 28.95 1.18 24.26
C THR B 156 30.03 2.12 23.69
N ASP B 157 30.27 3.25 24.35
CA ASP B 157 31.36 4.14 23.96
C ASP B 157 32.69 3.45 24.19
N ASP B 158 32.74 2.47 25.09
CA ASP B 158 34.00 1.76 25.34
C ASP B 158 34.34 0.67 24.32
N ILE B 159 33.39 0.26 23.49
CA ILE B 159 33.66 -0.82 22.53
C ILE B 159 34.38 -0.23 21.33
N LYS B 160 35.60 -0.70 21.12
CA LYS B 160 36.40 -0.28 20.00
C LYS B 160 36.46 -1.36 18.90
N SER B 161 36.85 -0.92 17.74
CA SER B 161 37.00 -1.77 16.60
C SER B 161 38.03 -2.89 16.89
N GLY B 162 37.66 -4.12 16.60
CA GLY B 162 38.51 -5.27 16.86
C GLY B 162 38.32 -5.94 18.22
N ASP B 163 37.74 -5.20 19.18
CA ASP B 163 37.53 -5.68 20.55
CA ASP B 163 37.52 -5.69 20.53
C ASP B 163 36.98 -7.12 20.57
N THR B 164 37.69 -7.99 21.29
CA THR B 164 37.31 -9.39 21.43
C THR B 164 36.69 -9.69 22.80
N ILE B 165 36.64 -8.71 23.70
CA ILE B 165 36.10 -8.92 25.03
CA ILE B 165 36.11 -8.93 25.05
C ILE B 165 34.92 -8.00 25.26
N LEU B 166 33.81 -8.55 25.78
CA LEU B 166 32.63 -7.78 26.10
C LEU B 166 32.56 -7.60 27.62
N LYS B 167 32.73 -6.37 28.07
CA LYS B 167 32.82 -5.99 29.49
C LYS B 167 31.48 -5.45 29.94
N LEU B 168 30.93 -6.08 30.97
CA LEU B 168 29.67 -5.63 31.51
C LEU B 168 29.86 -5.30 33.00
N TYR B 169 29.25 -4.19 33.42
CA TYR B 169 29.30 -3.72 34.82
C TYR B 169 28.06 -4.15 35.56
N LEU B 170 28.21 -4.82 36.69
CA LEU B 170 27.06 -5.11 37.53
C LEU B 170 26.76 -3.88 38.39
N ARG B 171 25.60 -3.30 38.16
CA ARG B 171 25.12 -2.18 38.94
C ARG B 171 24.03 -2.64 39.91
N TYR B 172 24.34 -2.56 41.20
CA TYR B 172 23.50 -3.06 42.27
C TYR B 172 22.92 -1.91 43.07
N LYS B 173 21.59 -1.78 42.97
CA LYS B 173 20.82 -0.73 43.62
C LYS B 173 19.86 -1.38 44.63
N VAL B 174 19.90 -0.87 45.87
CA VAL B 174 18.93 -1.22 46.90
C VAL B 174 18.05 0.00 47.06
N GLU B 175 16.72 -0.19 46.97
CA GLU B 175 15.78 0.91 47.08
C GLU B 175 15.44 1.21 48.55
N ASP B 176 16.35 1.93 49.21
CA ASP B 176 16.23 2.22 50.62
C ASP B 176 17.18 3.37 50.93
N GLU B 177 17.00 4.03 52.08
CA GLU B 177 17.89 5.13 52.49
C GLU B 177 19.30 4.58 52.82
N PRO B 178 20.34 5.42 52.67
CA PRO B 178 21.75 5.00 52.87
C PRO B 178 22.02 4.28 54.19
N ALA B 179 21.56 4.83 55.30
CA ALA B 179 21.75 4.21 56.60
C ALA B 179 21.11 2.80 56.68
N ALA B 180 19.91 2.62 56.14
CA ALA B 180 19.27 1.28 56.14
C ALA B 180 20.01 0.32 55.22
N ILE B 181 20.58 0.81 54.11
CA ILE B 181 21.39 -0.05 53.22
C ILE B 181 22.60 -0.53 54.02
N ALA B 182 23.26 0.40 54.71
CA ALA B 182 24.51 0.12 55.43
C ALA B 182 24.35 -0.93 56.52
N GLU B 183 23.19 -0.94 57.18
CA GLU B 183 22.88 -1.92 58.23
C GLU B 183 22.50 -3.35 57.81
N ARG B 184 22.14 -3.58 56.56
CA ARG B 184 21.75 -4.93 56.15
C ARG B 184 22.88 -5.89 56.34
N ALA B 185 22.57 -7.00 56.99
CA ALA B 185 23.60 -7.99 57.32
C ALA B 185 23.17 -9.46 57.18
N THR B 186 21.96 -9.73 56.68
CA THR B 186 21.48 -11.13 56.59
C THR B 186 21.85 -11.70 55.22
N ARG B 187 22.77 -12.66 55.21
CA ARG B 187 23.28 -13.20 53.96
CA ARG B 187 23.30 -13.23 53.96
C ARG B 187 22.25 -14.11 53.30
N THR B 188 22.05 -13.91 52.00
CA THR B 188 21.18 -14.77 51.22
C THR B 188 21.78 -14.84 49.80
N SER B 189 21.23 -15.71 48.96
CA SER B 189 21.70 -15.84 47.59
C SER B 189 20.57 -16.09 46.62
N SER B 190 20.82 -15.76 45.36
CA SER B 190 19.89 -16.01 44.25
CA SER B 190 19.90 -16.11 44.28
C SER B 190 20.68 -16.19 42.96
N PHE B 191 19.96 -16.49 41.87
CA PHE B 191 20.53 -16.48 40.54
C PHE B 191 19.76 -15.42 39.79
N LYS B 192 20.48 -14.66 38.98
CA LYS B 192 19.90 -13.65 38.09
C LYS B 192 20.30 -14.01 36.64
N ALA B 193 19.31 -14.13 35.75
CA ALA B 193 19.54 -14.47 34.35
C ALA B 193 19.30 -13.22 33.46
N TYR B 194 20.20 -13.04 32.49
CA TYR B 194 20.24 -11.86 31.63
C TYR B 194 20.16 -12.29 30.17
N GLU B 195 19.14 -11.77 29.48
CA GLU B 195 19.05 -11.91 28.04
C GLU B 195 19.94 -10.83 27.43
N ILE B 196 20.97 -11.25 26.70
CA ILE B 196 22.00 -10.33 26.22
C ILE B 196 22.09 -10.21 24.71
N SER B 197 21.06 -10.66 23.97
CA SER B 197 21.08 -10.55 22.52
CA SER B 197 21.12 -10.57 22.52
C SER B 197 21.24 -9.12 22.05
N GLN B 198 20.53 -8.17 22.68
CA GLN B 198 20.62 -6.77 22.27
C GLN B 198 22.03 -6.20 22.54
N ILE B 199 22.64 -6.63 23.64
CA ILE B 199 24.02 -6.23 23.97
CA ILE B 199 24.01 -6.20 23.95
C ILE B 199 25.00 -6.77 22.92
N LEU B 200 24.92 -8.07 22.64
CA LEU B 200 25.75 -8.74 21.66
C LEU B 200 25.61 -8.08 20.30
N ARG B 201 24.38 -7.65 19.96
CA ARG B 201 24.15 -6.94 18.69
CA ARG B 201 24.15 -6.94 18.69
C ARG B 201 24.95 -5.64 18.60
N GLU B 202 24.86 -4.82 19.65
CA GLU B 202 25.58 -3.57 19.68
C GLU B 202 27.08 -3.78 19.71
N TYR B 203 27.53 -4.81 20.44
CA TYR B 203 28.94 -5.19 20.47
C TYR B 203 29.45 -5.52 19.07
N THR B 204 28.67 -6.30 18.33
CA THR B 204 29.01 -6.68 17.00
C THR B 204 29.14 -5.47 16.11
N LEU B 205 28.20 -4.53 16.25
CA LEU B 205 28.19 -3.37 15.39
C LEU B 205 29.37 -2.43 15.69
N LYS B 206 29.72 -2.27 16.96
CA LYS B 206 30.86 -1.39 17.33
C LYS B 206 32.22 -2.05 17.10
N SER B 207 32.35 -3.35 17.36
CA SER B 207 33.62 -4.04 17.30
C SER B 207 33.94 -4.65 15.93
N GLY B 208 32.90 -4.86 15.13
CA GLY B 208 33.02 -5.55 13.89
C GLY B 208 33.19 -7.04 14.04
N GLN B 209 33.14 -7.56 15.27
CA GLN B 209 33.32 -9.01 15.50
C GLN B 209 31.99 -9.75 15.52
N THR B 210 31.96 -10.99 15.04
CA THR B 210 30.72 -11.83 15.06
C THR B 210 30.24 -12.18 16.46
N LYS B 211 31.21 -12.37 17.36
CA LYS B 211 30.98 -12.68 18.75
C LYS B 211 32.24 -12.38 19.58
N PRO B 212 32.03 -12.06 20.87
CA PRO B 212 33.22 -11.90 21.73
C PRO B 212 33.86 -13.26 22.04
N ALA B 213 35.14 -13.26 22.32
CA ALA B 213 35.82 -14.44 22.89
C ALA B 213 35.40 -14.68 24.35
N LYS B 214 35.12 -13.61 25.08
CA LYS B 214 34.88 -13.67 26.51
C LYS B 214 33.99 -12.51 26.91
N ILE B 215 33.16 -12.75 27.93
CA ILE B 215 32.38 -11.71 28.57
C ILE B 215 32.92 -11.52 29.98
N THR B 216 33.17 -10.28 30.36
CA THR B 216 33.72 -10.00 31.70
C THR B 216 32.66 -9.22 32.46
N ILE B 217 32.50 -9.60 33.71
CA ILE B 217 31.50 -8.99 34.63
C ILE B 217 32.27 -8.28 35.74
N VAL B 218 32.10 -6.95 35.83
CA VAL B 218 32.79 -6.14 36.80
C VAL B 218 31.85 -5.85 38.01
N ALA B 219 32.24 -6.31 39.19
CA ALA B 219 31.43 -6.16 40.42
C ALA B 219 32.18 -5.44 41.54
N GLN B 220 31.46 -4.62 42.31
CA GLN B 220 31.97 -4.04 43.56
C GLN B 220 31.42 -4.90 44.67
N GLN B 221 32.33 -5.50 45.40
CA GLN B 221 31.95 -6.45 46.42
C GLN B 221 32.65 -6.21 47.74
N ASN B 222 32.09 -6.78 48.81
CA ASN B 222 32.59 -6.58 50.17
C ASN B 222 32.18 -7.82 50.97
N GLU B 223 33.17 -8.58 51.43
CA GLU B 223 32.93 -9.83 52.16
CA GLU B 223 32.95 -9.83 52.18
C GLU B 223 32.36 -9.58 53.56
N TYR B 224 32.61 -8.42 54.14
CA TYR B 224 32.28 -8.21 55.58
C TYR B 224 31.09 -7.34 55.94
N ASN B 225 30.80 -6.33 55.15
CA ASN B 225 29.70 -5.41 55.49
C ASN B 225 29.06 -4.83 54.26
N ASN B 226 27.97 -4.08 54.44
CA ASN B 226 27.19 -3.58 53.31
C ASN B 226 27.44 -2.14 52.99
N LYS B 227 28.62 -1.66 53.38
CA LYS B 227 28.99 -0.29 53.11
C LYS B 227 29.82 -0.17 51.85
N LEU B 228 29.25 0.47 50.84
CA LEU B 228 29.92 0.64 49.56
C LEU B 228 31.25 1.40 49.69
N GLU B 229 31.25 2.51 50.44
CA GLU B 229 32.43 3.35 50.63
C GLU B 229 33.31 2.89 51.81
N ASP B 230 33.33 1.59 52.10
CA ASP B 230 34.13 1.00 53.14
C ASP B 230 35.44 0.56 52.49
N THR B 231 36.51 0.51 53.28
CA THR B 231 37.82 0.08 52.75
C THR B 231 37.89 -1.43 52.38
N SER B 232 36.92 -2.23 52.82
CA SER B 232 36.85 -3.65 52.38
C SER B 232 36.13 -3.88 51.03
N THR B 233 35.57 -2.84 50.42
CA THR B 233 34.87 -3.00 49.16
C THR B 233 35.94 -3.01 48.07
N ILE B 234 35.91 -4.04 47.23
CA ILE B 234 36.89 -4.19 46.15
C ILE B 234 36.17 -4.41 44.85
N GLU B 235 36.88 -4.12 43.76
CA GLU B 235 36.38 -4.41 42.48
C GLU B 235 36.94 -5.76 42.07
N LYS B 236 36.06 -6.61 41.56
CA LYS B 236 36.44 -7.93 41.11
C LYS B 236 35.80 -8.20 39.74
N VAL B 237 36.63 -8.75 38.83
CA VAL B 237 36.21 -9.11 37.46
C VAL B 237 36.00 -10.62 37.40
N TYR B 238 34.86 -11.04 36.88
CA TYR B 238 34.57 -12.46 36.74
C TYR B 238 34.52 -12.73 35.21
N GLU B 239 35.02 -13.88 34.74
CA GLU B 239 35.09 -14.13 33.30
C GLU B 239 34.15 -15.20 32.87
N ILE B 240 33.50 -14.99 31.74
CA ILE B 240 32.68 -16.04 31.09
C ILE B 240 33.18 -16.27 29.65
N GLU B 241 33.66 -17.47 29.37
CA GLU B 241 34.07 -17.89 28.01
C GLU B 241 32.80 -18.00 27.17
N TYR B 242 32.71 -17.23 26.08
CA TYR B 242 31.47 -17.16 25.29
C TYR B 242 31.55 -18.16 24.17
N LYS B 243 30.59 -19.07 24.16
CA LYS B 243 30.56 -20.18 23.22
C LYS B 243 29.30 -20.10 22.33
N THR B 244 29.48 -20.53 21.09
CA THR B 244 28.34 -20.74 20.18
C THR B 244 28.46 -22.10 19.51
N ALA B 245 27.33 -22.65 19.05
CA ALA B 245 27.34 -23.88 18.23
C ALA B 245 28.18 -23.71 16.96
N GLU B 246 28.19 -22.50 16.39
CA GLU B 246 28.95 -22.18 15.17
C GLU B 246 30.46 -22.00 15.40
N PRO C 9 -26.27 -12.96 -1.30
CA PRO C 9 -26.04 -12.19 -2.54
C PRO C 9 -24.76 -11.35 -2.52
N GLN C 10 -23.69 -11.86 -3.14
CA GLN C 10 -22.36 -11.23 -3.15
C GLN C 10 -22.39 -9.77 -3.60
N GLN C 11 -21.48 -8.96 -3.06
CA GLN C 11 -21.40 -7.52 -3.37
C GLN C 11 -20.01 -7.14 -3.89
N TRP C 12 -19.92 -6.06 -4.63
CA TRP C 12 -18.68 -5.70 -5.26
C TRP C 12 -18.69 -4.21 -5.49
N ALA C 13 -17.54 -3.58 -5.28
CA ALA C 13 -17.33 -2.19 -5.62
C ALA C 13 -16.00 -2.16 -6.34
N GLY C 14 -15.95 -1.38 -7.41
CA GLY C 14 -14.74 -1.25 -8.19
C GLY C 14 -14.98 -0.28 -9.32
N VAL C 15 -13.93 -0.15 -10.14
CA VAL C 15 -13.86 0.74 -11.29
C VAL C 15 -14.45 0.00 -12.50
N VAL C 16 -15.26 0.70 -13.29
CA VAL C 16 -15.91 0.12 -14.48
C VAL C 16 -16.01 1.14 -15.60
N LYS C 17 -16.06 0.66 -16.83
CA LYS C 17 -16.40 1.46 -17.98
C LYS C 17 -17.90 1.71 -18.02
N VAL C 18 -18.31 2.88 -18.48
CA VAL C 18 -19.70 3.21 -18.61
C VAL C 18 -20.10 3.00 -20.08
N ASN C 19 -21.15 2.22 -20.32
CA ASN C 19 -21.66 2.02 -21.70
C ASN C 19 -22.96 2.78 -21.93
N ASP C 20 -23.17 3.26 -23.14
CA ASP C 20 -24.45 3.82 -23.56
C ASP C 20 -25.11 2.83 -24.55
N ARG C 21 -26.08 2.05 -24.05
CA ARG C 21 -26.82 1.10 -24.89
CA ARG C 21 -26.85 1.09 -24.86
C ARG C 21 -28.21 1.67 -25.25
N GLY C 23 -29.52 4.47 -25.25
CA GLY C 23 -30.04 5.37 -24.21
C GLY C 23 -29.97 4.86 -22.79
N TYR C 24 -29.89 3.54 -22.60
CA TYR C 24 -29.79 2.95 -21.26
C TYR C 24 -28.32 2.77 -20.87
N VAL C 25 -28.01 2.96 -19.60
CA VAL C 25 -26.61 2.85 -19.13
C VAL C 25 -26.30 1.46 -18.60
N THR C 26 -25.20 0.89 -19.06
CA THR C 26 -24.67 -0.35 -18.48
CA THR C 26 -24.67 -0.35 -18.51
C THR C 26 -23.18 -0.14 -18.18
N PHE C 27 -22.57 -1.11 -17.51
CA PHE C 27 -21.14 -1.02 -17.15
C PHE C 27 -20.36 -2.26 -17.59
N THR C 28 -19.07 -2.08 -17.82
CA THR C 28 -18.15 -3.18 -18.10
C THR C 28 -16.98 -3.20 -17.09
N ASP C 29 -16.77 -4.35 -16.42
CA ASP C 29 -15.64 -4.49 -15.50
C ASP C 29 -14.36 -4.82 -16.25
N ALA C 30 -13.23 -4.81 -15.54
CA ALA C 30 -11.91 -5.00 -16.15
C ALA C 30 -11.79 -6.35 -16.85
N ALA C 31 -12.47 -7.38 -16.32
CA ALA C 31 -12.50 -8.71 -16.94
C ALA C 31 -13.33 -8.72 -18.23
N GLY C 32 -14.16 -7.70 -18.47
CA GLY C 32 -14.97 -7.65 -19.70
C GLY C 32 -16.42 -8.08 -19.54
N THR C 33 -16.86 -8.34 -18.31
CA THR C 33 -18.25 -8.72 -18.06
C THR C 33 -19.15 -7.49 -18.07
N GLU C 34 -20.24 -7.56 -18.83
CA GLU C 34 -21.19 -6.46 -18.85
C GLU C 34 -22.14 -6.56 -17.66
N LEU C 35 -22.32 -5.44 -16.96
CA LEU C 35 -23.12 -5.40 -15.74
C LEU C 35 -24.38 -4.59 -15.99
N ILE C 36 -25.54 -5.25 -15.92
CA ILE C 36 -26.82 -4.65 -16.31
C ILE C 36 -27.66 -4.22 -15.10
N PRO C 37 -27.75 -2.89 -14.83
CA PRO C 37 -28.52 -2.47 -13.68
C PRO C 37 -29.98 -2.84 -13.78
N THR C 38 -30.56 -3.31 -12.68
CA THR C 38 -31.99 -3.64 -12.65
C THR C 38 -32.74 -2.68 -11.73
N ASN C 39 -32.06 -1.64 -11.22
CA ASN C 39 -32.73 -0.65 -10.37
C ASN C 39 -33.97 -0.09 -11.07
N THR C 40 -35.02 0.15 -10.30
CA THR C 40 -36.27 0.66 -10.85
C THR C 40 -36.18 2.15 -11.19
N ILE C 41 -35.23 2.89 -10.59
CA ILE C 41 -34.94 4.27 -11.04
C ILE C 41 -33.81 4.22 -12.06
N PRO C 42 -33.98 4.84 -13.24
CA PRO C 42 -32.95 4.85 -14.30
C PRO C 42 -31.59 5.39 -13.86
N VAL C 43 -30.54 4.78 -14.34
CA VAL C 43 -29.20 5.29 -14.18
C VAL C 43 -29.02 6.39 -15.20
N THR C 44 -28.60 7.56 -14.72
CA THR C 44 -28.43 8.74 -15.58
C THR C 44 -26.96 9.25 -15.67
N LEU C 45 -26.01 8.54 -15.08
CA LEU C 45 -24.58 8.93 -15.07
C LEU C 45 -24.05 9.20 -16.46
N ASN C 46 -23.51 10.40 -16.66
CA ASN C 46 -22.84 10.79 -17.88
C ASN C 46 -21.32 10.82 -17.63
N ALA C 47 -20.65 9.70 -17.87
CA ALA C 47 -19.22 9.56 -17.58
C ALA C 47 -18.66 8.53 -18.54
N ARG C 48 -17.35 8.51 -18.73
CA ARG C 48 -16.73 7.43 -19.53
C ARG C 48 -16.33 6.25 -18.63
N ALA C 50 -16.45 4.89 -14.34
CA ALA C 50 -17.16 5.14 -13.07
C ALA C 50 -16.64 4.26 -11.97
N TYR C 51 -16.98 4.61 -10.72
CA TYR C 51 -16.81 3.65 -9.58
C TYR C 51 -18.19 3.24 -9.08
N ILE C 52 -18.43 1.94 -8.86
CA ILE C 52 -19.80 1.53 -8.58
C ILE C 52 -19.79 0.54 -7.46
N TYR C 53 -20.92 0.44 -6.76
CA TYR C 53 -21.08 -0.48 -5.63
C TYR C 53 -22.42 -1.20 -5.90
N CYS C 54 -22.38 -2.52 -5.92
CA CYS C 54 -23.51 -3.29 -6.38
C CYS C 54 -23.60 -4.67 -5.74
N GLN C 55 -24.75 -5.28 -5.97
CA GLN C 55 -25.04 -6.68 -5.62
C GLN C 55 -25.32 -7.42 -6.92
N VAL C 56 -25.06 -8.72 -6.92
CA VAL C 56 -25.42 -9.54 -8.05
C VAL C 56 -26.85 -10.05 -7.81
N ASP C 57 -27.71 -9.91 -8.82
CA ASP C 57 -29.08 -10.40 -8.72
C ASP C 57 -29.09 -11.94 -8.69
N GLU C 58 -30.10 -12.51 -8.04
CA GLU C 58 -30.27 -13.96 -7.98
C GLU C 58 -31.29 -14.41 -9.04
N LYS C 67 -20.49 -13.28 -19.97
CA LYS C 67 -20.79 -12.18 -20.87
C LYS C 67 -21.56 -11.09 -20.13
N SER C 68 -22.74 -11.41 -19.62
CA SER C 68 -23.60 -10.41 -18.95
C SER C 68 -24.09 -10.84 -17.57
N ILE C 69 -24.15 -9.88 -16.67
CA ILE C 69 -24.60 -10.10 -15.29
C ILE C 69 -25.55 -8.97 -14.87
N LYS C 70 -26.76 -9.34 -14.48
CA LYS C 70 -27.71 -8.37 -13.95
C LYS C 70 -27.29 -7.98 -12.52
N ILE C 71 -27.36 -6.70 -12.21
CA ILE C 71 -26.94 -6.19 -10.91
C ILE C 71 -27.91 -5.16 -10.32
N THR C 72 -27.82 -4.99 -9.00
CA THR C 72 -28.52 -3.89 -8.32
C THR C 72 -27.48 -2.96 -7.75
N LEU C 73 -27.50 -1.70 -8.19
CA LEU C 73 -26.60 -0.74 -7.65
C LEU C 73 -27.05 -0.46 -6.22
N LEU C 74 -26.09 -0.32 -5.33
CA LEU C 74 -26.39 -0.09 -3.93
C LEU C 74 -26.10 1.35 -3.55
N ALA C 75 -25.57 2.13 -4.50
CA ALA C 75 -25.25 3.53 -4.28
C ALA C 75 -25.29 4.29 -5.62
N ASP C 76 -25.46 5.60 -5.54
CA ASP C 76 -25.39 6.42 -6.74
C ASP C 76 -24.01 6.25 -7.44
N PRO C 77 -24.01 5.83 -8.72
CA PRO C 77 -22.71 5.67 -9.41
C PRO C 77 -21.92 6.96 -9.45
N THR C 78 -20.60 6.86 -9.35
CA THR C 78 -19.71 8.05 -9.41
C THR C 78 -18.84 8.04 -10.65
N GLY C 79 -18.85 9.10 -11.43
CA GLY C 79 -17.92 9.16 -12.56
C GLY C 79 -16.54 9.48 -11.99
N ILE C 80 -15.50 8.95 -12.63
CA ILE C 80 -14.11 9.13 -12.19
C ILE C 80 -13.19 9.63 -13.31
N ASP C 81 -13.76 10.14 -14.40
CA ASP C 81 -12.94 10.62 -15.52
C ASP C 81 -12.02 11.73 -15.08
N ALA C 82 -10.78 11.71 -15.52
CA ALA C 82 -9.82 12.81 -15.32
C ALA C 82 -9.04 13.07 -16.62
N THR C 83 -8.39 14.21 -16.71
CA THR C 83 -7.77 14.62 -17.95
C THR C 83 -6.29 14.20 -18.09
N ALA C 84 -5.96 13.62 -19.24
CA ALA C 84 -4.58 13.31 -19.64
C ALA C 84 -4.28 14.25 -20.80
N ILE C 85 -3.12 14.88 -20.82
CA ILE C 85 -2.78 15.77 -21.91
C ILE C 85 -1.35 15.53 -22.38
N THR C 86 -1.09 15.89 -23.63
CA THR C 86 0.25 15.90 -24.18
C THR C 86 0.60 17.34 -24.47
N THR C 87 1.82 17.72 -24.15
CA THR C 87 2.31 19.04 -24.48
C THR C 87 3.83 18.91 -24.65
N PRO C 88 4.46 19.77 -25.49
CA PRO C 88 5.92 19.63 -25.73
C PRO C 88 6.82 19.61 -24.48
N LYS C 89 6.65 20.57 -23.57
CA LYS C 89 7.51 20.70 -22.39
C LYS C 89 6.78 21.51 -21.30
N VAL C 90 7.39 21.62 -20.12
CA VAL C 90 6.80 22.43 -19.06
C VAL C 90 6.65 23.89 -19.49
N GLY C 91 5.48 24.48 -19.25
CA GLY C 91 5.18 25.87 -19.60
C GLY C 91 4.18 26.03 -20.75
N GLU C 92 4.14 25.05 -21.65
CA GLU C 92 3.35 25.15 -22.88
C GLU C 92 1.84 24.96 -22.69
N SER C 93 1.08 25.24 -23.74
CA SER C 93 -0.38 25.19 -23.73
C SER C 93 -0.94 23.89 -23.15
N GLY C 94 -1.81 24.05 -22.15
CA GLY C 94 -2.42 22.92 -21.49
C GLY C 94 -1.64 22.42 -20.29
N ASP C 95 -0.43 22.95 -20.05
CA ASP C 95 0.38 22.48 -18.90
C ASP C 95 -0.28 22.96 -17.61
N VAL C 96 -0.07 22.21 -16.54
CA VAL C 96 -0.63 22.53 -15.22
C VAL C 96 0.50 22.53 -14.18
N THR C 97 0.47 23.49 -13.26
CA THR C 97 1.48 23.56 -12.18
C THR C 97 0.90 22.96 -10.92
N THR C 98 1.62 22.02 -10.32
CA THR C 98 1.18 21.40 -9.07
C THR C 98 1.26 22.44 -7.95
N ASN C 99 0.23 22.51 -7.10
CA ASN C 99 0.23 23.38 -5.93
C ASN C 99 -0.07 22.66 -4.63
N ALA C 100 -0.13 21.34 -4.67
CA ALA C 100 -0.34 20.56 -3.45
C ALA C 100 0.27 19.17 -3.63
N PRO C 101 0.62 18.51 -2.51
CA PRO C 101 1.10 17.13 -2.54
C PRO C 101 0.02 16.12 -2.24
N VAL C 102 0.08 14.96 -2.90
CA VAL C 102 -0.79 13.86 -2.54
C VAL C 102 -0.19 13.21 -1.32
N GLY C 103 -0.99 12.41 -0.64
CA GLY C 103 -0.55 11.60 0.47
C GLY C 103 0.08 10.34 -0.08
N SER C 104 -0.59 9.73 -1.06
CA SER C 104 -0.12 8.52 -1.72
CA SER C 104 -0.07 8.57 -1.78
C SER C 104 -0.96 8.29 -3.00
N LEU C 105 -0.44 7.50 -3.93
CA LEU C 105 -1.27 7.01 -5.03
C LEU C 105 -1.59 5.56 -4.73
N SER C 106 -1.98 5.31 -3.48
CA SER C 106 -2.35 3.99 -3.01
CA SER C 106 -2.36 3.98 -3.01
C SER C 106 -3.36 4.09 -1.86
N PHE C 107 -4.22 3.07 -1.72
CA PHE C 107 -5.11 2.90 -0.53
C PHE C 107 -5.72 1.50 -0.50
N VAL C 108 -6.53 1.20 0.51
CA VAL C 108 -7.11 -0.16 0.63
C VAL C 108 -8.38 -0.25 -0.24
N SER C 109 -8.42 -1.26 -1.09
CA SER C 109 -9.61 -1.63 -1.86
C SER C 109 -9.82 -3.12 -1.71
N GLY C 110 -11.00 -3.53 -1.26
CA GLY C 110 -11.21 -4.94 -0.94
C GLY C 110 -10.28 -5.40 0.17
N TYR C 111 -9.63 -6.55 -0.01
CA TYR C 111 -8.79 -7.11 1.00
C TYR C 111 -7.32 -6.79 0.83
N SER C 112 -7.00 -5.74 0.07
CA SER C 112 -5.61 -5.40 -0.19
CA SER C 112 -5.61 -5.41 -0.21
C SER C 112 -5.49 -3.94 -0.54
N THR C 113 -4.25 -3.46 -0.63
CA THR C 113 -4.01 -2.10 -1.11
C THR C 113 -3.91 -2.20 -2.63
N VAL C 114 -4.22 -1.08 -3.28
CA VAL C 114 -4.22 -0.94 -4.72
CA VAL C 114 -4.22 -0.96 -4.72
C VAL C 114 -3.33 0.25 -5.06
N ALA C 115 -2.66 0.19 -6.19
CA ALA C 115 -1.77 1.24 -6.64
C ALA C 115 -2.15 1.52 -8.08
N PRO C 116 -1.50 2.50 -8.75
CA PRO C 116 -1.84 2.82 -10.16
C PRO C 116 -1.82 1.59 -11.03
N PHE C 117 -2.84 1.44 -11.86
CA PHE C 117 -3.04 0.19 -12.59
C PHE C 117 -3.65 0.38 -13.94
N GLN C 118 -3.53 -0.64 -14.78
CA GLN C 118 -4.07 -0.62 -16.15
C GLN C 118 -5.48 -1.21 -16.15
N PHE C 119 -6.47 -0.44 -16.60
CA PHE C 119 -7.84 -0.97 -16.71
C PHE C 119 -8.03 -1.72 -18.04
N SER C 120 -7.47 -1.15 -19.11
CA SER C 120 -7.61 -1.68 -20.47
C SER C 120 -6.45 -1.08 -21.27
N GLU C 121 -6.42 -1.34 -22.57
CA GLU C 121 -5.36 -0.81 -23.43
C GLU C 121 -5.41 0.69 -23.53
N ASN C 122 -6.59 1.25 -23.29
CA ASN C 122 -6.79 2.69 -23.48
C ASN C 122 -6.86 3.50 -22.19
N THR C 123 -6.92 2.82 -21.06
CA THR C 123 -7.25 3.48 -19.80
C THR C 123 -6.44 2.97 -18.63
N ILE C 124 -5.82 3.91 -17.93
CA ILE C 124 -5.16 3.70 -16.65
C ILE C 124 -5.89 4.43 -15.51
N VAL C 125 -5.70 3.90 -14.31
CA VAL C 125 -6.42 4.37 -13.13
C VAL C 125 -5.47 4.66 -11.96
N LEU C 126 -5.60 5.86 -11.41
CA LEU C 126 -4.87 6.32 -10.24
C LEU C 126 -5.71 6.30 -8.98
N PRO C 127 -5.35 5.47 -7.98
CA PRO C 127 -6.03 5.67 -6.72
C PRO C 127 -5.33 6.82 -6.04
N VAL C 128 -6.04 7.86 -5.62
CA VAL C 128 -5.42 8.99 -4.97
C VAL C 128 -5.86 9.03 -3.50
N LEU C 129 -4.88 9.12 -2.60
CA LEU C 129 -5.12 9.40 -1.19
C LEU C 129 -4.62 10.85 -0.97
N TYR C 130 -5.52 11.72 -0.54
CA TYR C 130 -5.22 13.14 -0.44
C TYR C 130 -6.00 13.85 0.68
N ARG C 131 -5.76 15.16 0.83
CA ARG C 131 -6.32 15.92 1.95
C ARG C 131 -7.26 17.02 1.47
N VAL C 132 -8.43 17.04 2.08
CA VAL C 132 -9.45 18.04 1.75
C VAL C 132 -9.78 18.83 3.01
N LYS C 133 -10.56 19.88 2.82
CA LYS C 133 -11.02 20.70 3.89
C LYS C 133 -12.14 19.94 4.62
N ASN C 134 -12.21 20.16 5.92
CA ASN C 134 -13.19 19.51 6.80
CA ASN C 134 -13.18 19.53 6.81
C ASN C 134 -14.52 20.24 6.70
N VAL C 135 -15.34 19.85 5.75
CA VAL C 135 -16.66 20.46 5.58
C VAL C 135 -17.70 19.42 5.94
N THR C 136 -18.91 19.86 6.26
CA THR C 136 -19.97 18.92 6.69
C THR C 136 -21.23 18.79 5.82
N THR C 137 -21.73 19.90 5.24
CA THR C 137 -22.94 19.77 4.41
C THR C 137 -22.60 19.03 3.12
N THR C 138 -23.57 18.28 2.61
CA THR C 138 -23.43 17.51 1.38
C THR C 138 -23.02 18.43 0.24
N GLU C 139 -23.65 19.60 0.17
CA GLU C 139 -23.32 20.57 -0.87
C GLU C 139 -21.84 21.02 -0.72
N ASP C 140 -21.40 21.26 0.52
CA ASP C 140 -20.04 21.73 0.77
C ASP C 140 -19.02 20.67 0.44
N ILE C 141 -19.35 19.42 0.77
CA ILE C 141 -18.47 18.32 0.42
C ILE C 141 -18.27 18.21 -1.09
N LYS C 142 -19.35 18.29 -1.86
CA LYS C 142 -19.26 18.28 -3.34
C LYS C 142 -18.49 19.45 -3.89
N ASN C 143 -18.70 20.65 -3.33
CA ASN C 143 -18.01 21.83 -3.81
C ASN C 143 -16.52 21.77 -3.50
N GLU C 144 -16.19 21.15 -2.36
CA GLU C 144 -14.80 20.95 -1.92
C GLU C 144 -14.10 19.94 -2.84
N LEU C 145 -14.74 18.78 -3.06
CA LEU C 145 -14.17 17.77 -3.96
C LEU C 145 -13.85 18.36 -5.35
N ALA C 146 -14.73 19.23 -5.86
CA ALA C 146 -14.56 19.81 -7.18
C ALA C 146 -13.34 20.73 -7.30
N LYS C 147 -12.75 21.17 -6.19
CA LYS C 147 -11.54 22.04 -6.23
C LYS C 147 -10.27 21.27 -6.60
N HIS C 148 -10.32 19.96 -6.48
CA HIS C 148 -9.11 19.12 -6.67
C HIS C 148 -9.04 18.52 -8.07
N THR C 149 -8.07 18.98 -8.86
CA THR C 149 -7.93 18.42 -10.21
C THR C 149 -6.59 17.68 -10.32
N PHE C 150 -6.70 16.43 -10.81
CA PHE C 150 -5.57 15.53 -11.01
C PHE C 150 -5.36 15.27 -12.50
N THR C 151 -4.40 15.99 -13.10
CA THR C 151 -4.11 15.91 -14.52
C THR C 151 -2.80 15.18 -14.81
N LEU C 152 -2.86 14.14 -15.65
CA LEU C 152 -1.64 13.43 -16.08
C LEU C 152 -1.13 14.16 -17.34
N VAL C 153 0.15 14.53 -17.33
CA VAL C 153 0.79 15.23 -18.46
C VAL C 153 1.99 14.45 -19.00
N CYS C 154 1.95 14.23 -20.31
CA CYS C 154 3.06 13.70 -21.06
C CYS C 154 3.78 14.85 -21.78
N TYR C 155 5.05 15.08 -21.44
CA TYR C 155 5.87 16.08 -22.13
C TYR C 155 6.55 15.42 -23.32
N THR C 156 6.11 15.80 -24.52
CA THR C 156 6.47 15.03 -25.71
C THR C 156 7.94 15.20 -26.13
N ASP C 157 8.55 16.34 -25.82
CA ASP C 157 9.98 16.53 -26.10
C ASP C 157 10.89 15.52 -25.39
N ASP C 158 10.48 15.01 -24.24
CA ASP C 158 11.30 14.04 -23.50
C ASP C 158 11.28 12.62 -24.10
N ILE C 159 10.39 12.36 -25.05
CA ILE C 159 10.28 11.05 -25.68
C ILE C 159 11.34 10.96 -26.79
N LYS C 160 12.25 10.01 -26.64
CA LYS C 160 13.31 9.81 -27.63
C LYS C 160 13.12 8.50 -28.41
N SER C 161 13.74 8.45 -29.58
CA SER C 161 13.81 7.24 -30.43
C SER C 161 14.17 6.01 -29.62
N GLY C 162 13.30 5.01 -29.64
CA GLY C 162 13.57 3.75 -28.96
C GLY C 162 13.18 3.65 -27.50
N ASP C 163 12.58 4.70 -26.92
CA ASP C 163 12.13 4.64 -25.52
C ASP C 163 11.15 3.49 -25.30
N THR C 164 11.36 2.71 -24.23
CA THR C 164 10.44 1.65 -23.87
C THR C 164 9.61 2.02 -22.64
N ILE C 165 9.96 3.14 -22.00
CA ILE C 165 9.21 3.65 -20.88
C ILE C 165 8.51 4.95 -21.27
N LEU C 166 7.21 5.01 -21.00
CA LEU C 166 6.40 6.23 -21.18
C LEU C 166 6.23 6.92 -19.81
N LYS C 167 6.77 8.14 -19.68
CA LYS C 167 6.81 8.82 -18.38
C LYS C 167 5.72 9.92 -18.34
N LEU C 168 4.84 9.81 -17.35
CA LEU C 168 3.75 10.77 -17.16
C LEU C 168 3.89 11.46 -15.79
N TYR C 169 3.70 12.78 -15.76
CA TYR C 169 3.70 13.54 -14.52
C TYR C 169 2.29 13.84 -14.02
N LEU C 170 1.99 13.46 -12.76
CA LEU C 170 0.73 13.90 -12.12
C LEU C 170 0.82 15.36 -11.71
N ARG C 171 -0.01 16.22 -12.31
CA ARG C 171 -0.12 17.58 -11.88
C ARG C 171 -1.41 17.75 -11.04
N TYR C 172 -1.22 18.11 -9.77
CA TYR C 172 -2.31 18.20 -8.80
C TYR C 172 -2.51 19.65 -8.40
N LYS C 173 -3.64 20.22 -8.83
CA LYS C 173 -4.00 21.60 -8.55
C LYS C 173 -5.25 21.66 -7.68
N VAL C 174 -5.16 22.36 -6.54
CA VAL C 174 -6.32 22.68 -5.69
C VAL C 174 -6.69 24.13 -5.93
N GLU C 175 -7.98 24.40 -6.27
CA GLU C 175 -8.45 25.77 -6.56
C GLU C 175 -8.82 26.46 -5.27
N ASP C 176 -7.80 26.99 -4.59
CA ASP C 176 -7.98 27.73 -3.37
C ASP C 176 -6.70 28.54 -3.11
N GLU C 177 -6.74 29.39 -2.09
CA GLU C 177 -5.54 30.16 -1.72
C GLU C 177 -4.51 29.28 -1.07
N PRO C 178 -3.21 29.62 -1.22
CA PRO C 178 -2.11 28.79 -0.68
C PRO C 178 -2.23 28.47 0.79
N ALA C 179 -2.64 29.43 1.63
CA ALA C 179 -2.76 29.19 3.05
C ALA C 179 -3.85 28.18 3.32
N ALA C 180 -4.98 28.33 2.65
CA ALA C 180 -6.06 27.36 2.81
C ALA C 180 -5.67 25.99 2.25
N ILE C 181 -4.88 25.93 1.16
CA ILE C 181 -4.38 24.60 0.69
C ILE C 181 -3.50 23.92 1.78
N ALA C 182 -2.55 24.67 2.32
CA ALA C 182 -1.62 24.16 3.34
C ALA C 182 -2.31 23.56 4.55
N GLU C 183 -3.46 24.11 4.92
CA GLU C 183 -4.16 23.71 6.13
C GLU C 183 -5.01 22.48 5.94
N ARG C 184 -5.25 22.02 4.71
CA ARG C 184 -6.16 20.90 4.52
C ARG C 184 -5.57 19.66 5.15
N ALA C 185 -6.40 18.94 5.89
CA ALA C 185 -5.92 17.80 6.66
C ALA C 185 -6.91 16.65 6.78
N THR C 186 -8.03 16.67 6.04
CA THR C 186 -8.97 15.55 6.14
C THR C 186 -8.65 14.51 5.04
N ARG C 187 -8.36 13.27 5.46
CA ARG C 187 -7.99 12.23 4.52
C ARG C 187 -9.16 11.77 3.69
N THR C 188 -8.92 11.66 2.40
CA THR C 188 -9.93 11.19 1.46
C THR C 188 -9.29 10.34 0.36
N SER C 189 -10.08 9.43 -0.19
CA SER C 189 -9.60 8.61 -1.29
C SER C 189 -10.55 8.67 -2.47
N SER C 190 -9.97 8.70 -3.67
CA SER C 190 -10.72 8.64 -4.89
C SER C 190 -9.93 7.91 -5.97
N PHE C 191 -10.64 7.25 -6.88
CA PHE C 191 -10.05 6.76 -8.11
C PHE C 191 -10.20 7.83 -9.18
N LYS C 192 -9.14 8.00 -9.97
CA LYS C 192 -9.16 8.87 -11.18
C LYS C 192 -8.79 8.04 -12.41
N ALA C 193 -9.65 8.06 -13.44
CA ALA C 193 -9.41 7.26 -14.67
C ALA C 193 -9.06 8.16 -15.84
N TYR C 194 -8.05 7.74 -16.60
CA TYR C 194 -7.48 8.53 -17.69
C TYR C 194 -7.50 7.73 -18.98
N GLU C 195 -8.06 8.34 -20.01
CA GLU C 195 -8.02 7.77 -21.35
C GLU C 195 -6.68 8.21 -21.97
N ILE C 196 -5.80 7.25 -22.26
CA ILE C 196 -4.45 7.58 -22.71
C ILE C 196 -4.15 7.27 -24.19
N SER C 197 -5.18 6.98 -25.00
CA SER C 197 -5.01 6.59 -26.40
CA SER C 197 -4.97 6.57 -26.38
C SER C 197 -4.24 7.65 -27.18
N GLN C 198 -4.53 8.91 -26.90
CA GLN C 198 -3.88 10.00 -27.64
C GLN C 198 -2.40 10.15 -27.25
N ILE C 199 -2.09 9.84 -25.98
CA ILE C 199 -0.72 9.86 -25.44
C ILE C 199 0.06 8.66 -26.00
N LEU C 200 -0.57 7.50 -26.01
CA LEU C 200 0.04 6.31 -26.60
C LEU C 200 0.40 6.56 -28.07
N ARG C 201 -0.52 7.20 -28.80
CA ARG C 201 -0.33 7.60 -30.21
CA ARG C 201 -0.30 7.54 -30.21
C ARG C 201 0.94 8.40 -30.38
N GLU C 202 1.02 9.50 -29.66
CA GLU C 202 2.20 10.40 -29.71
C GLU C 202 3.51 9.73 -29.28
N TYR C 203 3.43 8.91 -28.25
CA TYR C 203 4.56 8.11 -27.82
C TYR C 203 5.07 7.22 -28.96
N THR C 204 4.14 6.60 -29.72
CA THR C 204 4.49 5.74 -30.85
C THR C 204 5.16 6.50 -31.98
N LEU C 205 4.64 7.68 -32.30
CA LEU C 205 5.23 8.53 -33.33
C LEU C 205 6.63 9.04 -32.94
N LYS C 206 6.84 9.41 -31.68
CA LYS C 206 8.14 9.93 -31.26
C LYS C 206 9.16 8.80 -30.99
N SER C 207 8.74 7.71 -30.37
CA SER C 207 9.66 6.63 -30.02
C SER C 207 9.87 5.62 -31.13
N GLY C 208 8.89 5.50 -32.02
CA GLY C 208 8.91 4.44 -33.03
C GLY C 208 8.50 3.08 -32.49
N GLN C 209 8.17 2.96 -31.21
CA GLN C 209 7.69 1.69 -30.64
C GLN C 209 6.16 1.58 -30.80
N THR C 210 5.68 0.37 -31.08
CA THR C 210 4.25 0.10 -31.21
C THR C 210 3.52 0.27 -29.87
N LYS C 211 4.25 0.06 -28.77
CA LYS C 211 3.72 0.23 -27.41
C LYS C 211 4.85 0.34 -26.39
N PRO C 212 4.59 0.99 -25.25
CA PRO C 212 5.61 1.02 -24.21
C PRO C 212 5.63 -0.28 -23.43
N ALA C 213 6.78 -0.57 -22.81
CA ALA C 213 6.91 -1.70 -21.89
C ALA C 213 6.21 -1.37 -20.56
N LYS C 214 6.43 -0.16 -20.06
CA LYS C 214 5.77 0.28 -18.84
C LYS C 214 5.43 1.77 -18.90
N ILE C 215 4.46 2.15 -18.08
CA ILE C 215 4.06 3.56 -17.95
C ILE C 215 4.54 3.95 -16.54
N THR C 216 5.26 5.05 -16.43
CA THR C 216 5.63 5.54 -15.10
C THR C 216 4.86 6.81 -14.77
N ILE C 217 4.46 6.92 -13.51
CA ILE C 217 3.69 8.07 -13.02
C ILE C 217 4.55 8.77 -11.96
N VAL C 218 4.97 10.02 -12.22
CA VAL C 218 5.78 10.81 -11.28
C VAL C 218 4.87 11.76 -10.48
N ALA C 219 4.85 11.56 -9.16
CA ALA C 219 3.98 12.26 -8.20
C ALA C 219 4.78 12.97 -7.11
N GLN C 220 4.40 14.21 -6.78
CA GLN C 220 4.97 14.89 -5.61
C GLN C 220 4.10 14.52 -4.44
N GLN C 221 4.65 13.76 -3.49
CA GLN C 221 3.89 13.36 -2.36
C GLN C 221 4.51 13.69 -1.01
N ASN C 222 3.63 13.93 -0.05
CA ASN C 222 4.00 14.25 1.31
C ASN C 222 3.07 13.47 2.24
N GLU C 223 3.67 12.54 3.00
CA GLU C 223 2.87 11.68 3.88
CA GLU C 223 2.94 11.65 3.90
C GLU C 223 2.55 12.29 5.23
N TYR C 224 3.03 13.50 5.50
CA TYR C 224 2.79 14.14 6.80
C TYR C 224 1.89 15.37 6.82
N ASN C 225 1.89 16.17 5.76
CA ASN C 225 1.14 17.42 5.74
C ASN C 225 0.86 17.86 4.30
N ASN C 226 0.06 18.89 4.13
CA ASN C 226 -0.34 19.31 2.79
C ASN C 226 0.47 20.42 2.21
N LYS C 227 1.71 20.56 2.68
CA LYS C 227 2.57 21.65 2.25
C LYS C 227 3.51 21.17 1.15
N LEU C 228 3.31 21.69 -0.06
CA LEU C 228 4.10 21.26 -1.21
C LEU C 228 5.59 21.49 -0.96
N GLU C 229 5.92 22.69 -0.49
CA GLU C 229 7.34 23.10 -0.26
C GLU C 229 7.96 22.59 1.05
N ASP C 230 7.34 21.60 1.69
CA ASP C 230 7.86 21.00 2.90
C ASP C 230 9.04 20.07 2.52
N THR C 231 10.01 19.92 3.42
CA THR C 231 11.14 19.02 3.18
C THR C 231 10.70 17.55 3.17
N SER C 232 9.48 17.28 3.65
CA SER C 232 8.93 15.91 3.59
C SER C 232 8.27 15.60 2.23
N THR C 233 8.15 16.57 1.35
CA THR C 233 7.60 16.29 0.02
C THR C 233 8.67 15.60 -0.82
N ILE C 234 8.33 14.43 -1.37
CA ILE C 234 9.27 13.70 -2.21
C ILE C 234 8.64 13.44 -3.58
N GLU C 235 9.51 13.19 -4.56
CA GLU C 235 9.10 12.76 -5.88
C GLU C 235 9.03 11.25 -5.82
N LYS C 236 7.85 10.66 -5.99
CA LYS C 236 7.72 9.19 -6.03
C LYS C 236 7.29 8.74 -7.42
N VAL C 237 7.90 7.67 -7.89
CA VAL C 237 7.63 7.16 -9.22
C VAL C 237 6.86 5.86 -9.07
N TYR C 238 5.67 5.77 -9.64
CA TYR C 238 4.91 4.52 -9.62
C TYR C 238 4.99 3.92 -11.03
N GLU C 239 5.06 2.59 -11.13
CA GLU C 239 5.20 1.86 -12.41
C GLU C 239 3.97 1.06 -12.72
N ILE C 240 3.56 1.11 -13.98
CA ILE C 240 2.47 0.33 -14.50
C ILE C 240 3.01 -0.48 -15.69
N GLU C 241 3.02 -1.80 -15.58
CA GLU C 241 3.44 -2.65 -16.71
C GLU C 241 2.34 -2.57 -17.76
N TYR C 242 2.69 -2.22 -18.99
CA TYR C 242 1.68 -2.04 -20.03
C TYR C 242 1.46 -3.29 -20.89
N LYS C 243 0.25 -3.86 -20.81
CA LYS C 243 -0.10 -5.12 -21.51
C LYS C 243 -1.12 -4.85 -22.63
N THR C 244 -1.07 -5.67 -23.68
CA THR C 244 -2.09 -5.64 -24.74
C THR C 244 -2.48 -7.07 -25.09
N ALA C 245 -3.59 -7.24 -25.81
CA ALA C 245 -3.94 -8.56 -26.35
C ALA C 245 -2.93 -9.03 -27.42
N GLU C 246 -2.29 -8.10 -28.12
CA GLU C 246 -1.46 -8.38 -29.31
C GLU C 246 -0.04 -8.93 -29.01
N GLN D 10 -17.03 39.68 -40.91
CA GLN D 10 -16.43 38.40 -41.37
C GLN D 10 -17.11 37.24 -40.65
N GLN D 11 -18.00 36.55 -41.36
CA GLN D 11 -18.68 35.38 -40.80
C GLN D 11 -18.02 34.11 -41.29
N TRP D 12 -18.23 33.01 -40.56
CA TRP D 12 -17.60 31.75 -40.87
C TRP D 12 -18.43 30.63 -40.24
N ALA D 13 -18.52 29.50 -40.95
CA ALA D 13 -19.19 28.29 -40.45
C ALA D 13 -18.30 27.11 -40.70
N GLY D 14 -18.11 26.24 -39.70
CA GLY D 14 -17.24 25.10 -39.91
C GLY D 14 -17.18 24.14 -38.74
N VAL D 15 -16.35 23.13 -38.90
CA VAL D 15 -16.13 22.14 -37.90
C VAL D 15 -15.04 22.67 -36.97
N VAL D 16 -15.27 22.53 -35.68
CA VAL D 16 -14.30 22.92 -34.64
C VAL D 16 -14.23 21.88 -33.52
N LYS D 17 -13.14 21.91 -32.76
CA LYS D 17 -12.99 21.16 -31.52
C LYS D 17 -13.60 22.01 -30.43
N VAL D 18 -14.18 21.36 -29.44
CA VAL D 18 -14.81 22.02 -28.31
C VAL D 18 -13.88 21.87 -27.12
N ASN D 19 -13.61 22.98 -26.44
CA ASN D 19 -12.74 22.97 -25.24
C ASN D 19 -13.51 23.37 -23.98
N ASP D 20 -13.22 22.72 -22.86
CA ASP D 20 -13.77 23.12 -21.58
C ASP D 20 -12.67 23.86 -20.77
N ARG D 21 -12.69 25.20 -20.80
CA ARG D 21 -11.72 26.03 -20.08
CA ARG D 21 -11.72 26.04 -20.09
C ARG D 21 -12.32 26.49 -18.75
N GLY D 23 -14.78 25.14 -16.90
CA GLY D 23 -16.25 25.17 -17.04
C GLY D 23 -16.83 25.97 -18.20
N TYR D 24 -16.07 26.92 -18.74
CA TYR D 24 -16.48 27.71 -19.89
C TYR D 24 -16.09 27.02 -21.21
N VAL D 25 -16.95 27.10 -22.21
CA VAL D 25 -16.74 26.41 -23.49
C VAL D 25 -16.07 27.34 -24.50
N THR D 26 -14.95 26.92 -25.09
CA THR D 26 -14.37 27.62 -26.26
C THR D 26 -14.21 26.62 -27.40
N PHE D 27 -13.76 27.11 -28.56
CA PHE D 27 -13.54 26.27 -29.74
C PHE D 27 -12.13 26.45 -30.34
N THR D 28 -11.71 25.45 -31.12
CA THR D 28 -10.44 25.49 -31.85
C THR D 28 -10.66 25.01 -33.28
N ASP D 29 -10.42 25.89 -34.26
CA ASP D 29 -10.59 25.56 -35.67
C ASP D 29 -9.49 24.65 -36.16
N ALA D 30 -9.60 24.20 -37.41
CA ALA D 30 -8.63 23.27 -37.97
C ALA D 30 -7.23 23.87 -37.99
N ALA D 31 -7.16 25.19 -38.20
CA ALA D 31 -5.89 25.93 -38.16
C ALA D 31 -5.24 25.97 -36.77
N GLY D 32 -5.99 25.53 -35.75
CA GLY D 32 -5.51 25.50 -34.37
C GLY D 32 -5.70 26.79 -33.58
N THR D 33 -6.36 27.79 -34.18
CA THR D 33 -6.62 29.05 -33.47
CA THR D 33 -6.65 29.06 -33.52
C THR D 33 -7.84 28.90 -32.57
N GLU D 34 -7.74 29.49 -31.38
CA GLU D 34 -8.81 29.39 -30.38
C GLU D 34 -9.88 30.47 -30.64
N LEU D 35 -11.13 30.05 -30.66
CA LEU D 35 -12.26 30.93 -30.84
C LEU D 35 -13.01 31.05 -29.50
N ILE D 36 -13.08 32.27 -28.98
CA ILE D 36 -13.66 32.57 -27.67
C ILE D 36 -15.04 33.25 -27.83
N PRO D 37 -16.13 32.55 -27.44
CA PRO D 37 -17.47 33.17 -27.54
C PRO D 37 -17.65 34.31 -26.59
N THR D 38 -18.27 35.39 -27.08
CA THR D 38 -18.62 36.52 -26.23
C THR D 38 -20.13 36.65 -26.06
N ASN D 39 -20.88 35.61 -26.41
CA ASN D 39 -22.33 35.59 -26.19
C ASN D 39 -22.66 35.72 -24.72
N THR D 40 -23.74 36.43 -24.40
CA THR D 40 -24.12 36.69 -23.02
C THR D 40 -24.87 35.51 -22.40
N ILE D 41 -25.48 34.65 -23.21
CA ILE D 41 -26.05 33.40 -22.68
C ILE D 41 -24.92 32.35 -22.72
N PRO D 42 -24.67 31.69 -21.59
CA PRO D 42 -23.61 30.68 -21.55
C PRO D 42 -23.75 29.54 -22.59
N VAL D 43 -22.64 29.16 -23.20
CA VAL D 43 -22.55 28.01 -24.08
C VAL D 43 -22.50 26.76 -23.22
N THR D 44 -23.46 25.86 -23.40
CA THR D 44 -23.51 24.62 -22.57
C THR D 44 -23.32 23.32 -23.35
N LEU D 45 -22.97 23.43 -24.63
CA LEU D 45 -22.72 22.24 -25.48
C LEU D 45 -21.78 21.23 -24.79
N ASN D 46 -22.23 19.97 -24.71
CA ASN D 46 -21.44 18.88 -24.21
C ASN D 46 -21.11 18.03 -25.42
N ALA D 47 -19.94 18.25 -26.01
CA ALA D 47 -19.51 17.56 -27.23
C ALA D 47 -17.99 17.65 -27.30
N ARG D 48 -17.36 16.69 -27.96
CA ARG D 48 -15.94 16.75 -28.23
C ARG D 48 -15.69 17.61 -29.46
N ALA D 50 -17.78 19.97 -32.79
CA ALA D 50 -18.98 20.73 -33.11
C ALA D 50 -18.89 21.39 -34.47
N TYR D 51 -20.07 21.79 -34.95
CA TYR D 51 -20.21 22.65 -36.10
C TYR D 51 -20.86 23.94 -35.59
N ILE D 52 -20.25 25.09 -35.93
CA ILE D 52 -20.66 26.38 -35.44
C ILE D 52 -20.75 27.37 -36.59
N TYR D 53 -21.69 28.32 -36.45
CA TYR D 53 -21.85 29.46 -37.36
CA TYR D 53 -21.86 29.46 -37.36
C TYR D 53 -21.47 30.67 -36.52
N CYS D 54 -20.42 31.39 -36.91
CA CYS D 54 -19.95 32.51 -36.10
C CYS D 54 -19.53 33.74 -36.89
N GLN D 55 -19.28 34.80 -36.14
CA GLN D 55 -18.82 36.08 -36.67
C GLN D 55 -17.71 36.62 -35.77
N VAL D 56 -16.65 37.17 -36.35
CA VAL D 56 -15.53 37.73 -35.55
C VAL D 56 -16.02 39.01 -34.87
N ASP D 57 -15.50 39.31 -33.68
CA ASP D 57 -15.86 40.56 -32.98
C ASP D 57 -14.94 41.68 -33.44
N GLU D 58 -15.37 42.93 -33.23
CA GLU D 58 -14.58 44.10 -33.58
C GLU D 58 -13.39 44.26 -32.63
N PRO D 66 -3.06 35.82 -34.67
CA PRO D 66 -3.55 35.75 -33.30
C PRO D 66 -3.72 34.31 -32.82
N LYS D 67 -3.46 34.07 -31.54
CA LYS D 67 -3.62 32.75 -30.93
C LYS D 67 -5.07 32.53 -30.53
N SER D 68 -5.70 33.59 -30.06
CA SER D 68 -7.12 33.60 -29.71
C SER D 68 -7.84 34.70 -30.48
N ILE D 69 -9.09 34.42 -30.83
CA ILE D 69 -9.99 35.39 -31.48
C ILE D 69 -11.35 35.34 -30.78
N LYS D 70 -11.85 36.51 -30.39
CA LYS D 70 -13.17 36.59 -29.79
C LYS D 70 -14.22 36.53 -30.91
N ILE D 71 -15.21 35.67 -30.73
CA ILE D 71 -16.30 35.51 -31.70
C ILE D 71 -17.68 35.65 -31.07
N THR D 72 -18.68 35.80 -31.92
CA THR D 72 -20.08 35.78 -31.53
C THR D 72 -20.72 34.62 -32.27
N LEU D 73 -21.31 33.70 -31.54
CA LEU D 73 -21.99 32.58 -32.17
C LEU D 73 -23.31 33.12 -32.74
N LEU D 74 -23.64 32.68 -33.95
CA LEU D 74 -24.82 33.18 -34.68
C LEU D 74 -25.91 32.10 -34.71
N ALA D 75 -25.68 31.00 -33.99
CA ALA D 75 -26.61 29.90 -33.95
C ALA D 75 -26.22 28.99 -32.78
N ASP D 76 -27.16 28.19 -32.31
CA ASP D 76 -26.88 27.24 -31.27
C ASP D 76 -25.88 26.21 -31.80
N PRO D 77 -24.69 26.08 -31.18
CA PRO D 77 -23.69 25.15 -31.69
C PRO D 77 -24.22 23.72 -31.73
N THR D 78 -23.81 22.94 -32.72
CA THR D 78 -24.24 21.54 -32.83
C THR D 78 -23.10 20.59 -32.58
N GLY D 79 -23.27 19.64 -31.65
CA GLY D 79 -22.27 18.58 -31.46
C GLY D 79 -22.35 17.62 -32.65
N ILE D 80 -21.22 17.17 -33.17
CA ILE D 80 -21.21 16.28 -34.37
C ILE D 80 -20.46 14.99 -34.16
N ASP D 81 -20.25 14.61 -32.90
CA ASP D 81 -19.53 13.39 -32.56
C ASP D 81 -20.28 12.16 -33.07
N ALA D 82 -19.53 11.22 -33.64
CA ALA D 82 -20.05 9.93 -34.08
C ALA D 82 -19.07 8.85 -33.62
N THR D 83 -19.57 7.63 -33.54
CA THR D 83 -18.80 6.52 -32.97
C THR D 83 -17.92 5.83 -33.99
N ALA D 84 -16.67 5.59 -33.58
CA ALA D 84 -15.71 4.78 -34.31
C ALA D 84 -15.40 3.58 -33.44
N ILE D 85 -15.47 2.37 -34.02
CA ILE D 85 -15.20 1.18 -33.26
C ILE D 85 -14.22 0.25 -34.02
N THR D 86 -13.52 -0.60 -33.26
CA THR D 86 -12.74 -1.69 -33.82
C THR D 86 -13.48 -2.94 -33.42
N THR D 87 -13.47 -3.96 -34.28
CA THR D 87 -13.99 -5.29 -33.96
C THR D 87 -13.26 -6.30 -34.87
N PRO D 88 -13.13 -7.57 -34.45
CA PRO D 88 -12.27 -8.39 -35.31
C PRO D 88 -12.76 -8.60 -36.77
N LYS D 89 -14.06 -8.81 -36.98
CA LYS D 89 -14.60 -9.03 -38.33
C LYS D 89 -16.10 -8.77 -38.34
N VAL D 90 -16.70 -8.82 -39.54
CA VAL D 90 -18.13 -8.61 -39.68
C VAL D 90 -18.88 -9.61 -38.81
N GLY D 91 -19.86 -9.11 -38.05
CA GLY D 91 -20.67 -9.95 -37.18
C GLY D 91 -20.24 -9.99 -35.72
N GLU D 92 -18.98 -9.66 -35.42
CA GLU D 92 -18.48 -9.75 -34.05
C GLU D 92 -19.07 -8.64 -33.17
N SER D 93 -18.98 -8.83 -31.86
CA SER D 93 -19.53 -7.90 -30.87
C SER D 93 -19.07 -6.48 -31.17
N GLY D 94 -20.01 -5.53 -31.16
CA GLY D 94 -19.73 -4.14 -31.52
C GLY D 94 -19.99 -3.77 -32.98
N ASP D 95 -20.12 -4.75 -33.86
CA ASP D 95 -20.33 -4.45 -35.29
C ASP D 95 -21.72 -3.89 -35.54
N VAL D 96 -21.84 -3.09 -36.60
CA VAL D 96 -23.11 -2.52 -37.02
C VAL D 96 -23.45 -2.97 -38.44
N THR D 97 -24.73 -3.31 -38.66
CA THR D 97 -25.22 -3.71 -39.99
C THR D 97 -25.90 -2.52 -40.65
N THR D 98 -25.38 -2.12 -41.82
CA THR D 98 -25.99 -1.03 -42.62
C THR D 98 -27.36 -1.41 -43.12
N ASN D 99 -28.37 -0.55 -42.94
CA ASN D 99 -29.72 -0.88 -43.43
C ASN D 99 -30.30 0.20 -44.32
N ALA D 100 -29.43 1.08 -44.79
CA ALA D 100 -29.86 2.15 -45.69
C ALA D 100 -28.64 2.71 -46.42
N PRO D 101 -28.81 3.22 -47.66
CA PRO D 101 -27.69 3.83 -48.38
C PRO D 101 -27.62 5.34 -48.13
N VAL D 102 -26.38 5.86 -47.98
CA VAL D 102 -26.17 7.31 -47.96
C VAL D 102 -26.33 7.83 -49.40
N GLY D 103 -26.58 9.12 -49.56
CA GLY D 103 -26.58 9.70 -50.90
C GLY D 103 -25.14 9.81 -51.38
N SER D 104 -24.29 10.41 -50.54
CA SER D 104 -22.88 10.65 -50.89
C SER D 104 -22.14 11.09 -49.63
N LEU D 105 -20.81 10.95 -49.63
CA LEU D 105 -19.98 11.56 -48.60
C LEU D 105 -19.27 12.76 -49.18
N SER D 106 -19.59 13.13 -50.42
CA SER D 106 -18.98 14.27 -51.03
C SER D 106 -20.03 15.02 -51.86
N PHE D 107 -20.12 16.33 -51.68
CA PHE D 107 -21.13 17.19 -52.32
C PHE D 107 -20.71 18.66 -52.13
N VAL D 108 -21.49 19.58 -52.69
CA VAL D 108 -21.21 21.02 -52.54
C VAL D 108 -21.90 21.58 -51.26
N SER D 109 -21.09 22.06 -50.32
CA SER D 109 -21.57 22.85 -49.17
C SER D 109 -20.95 24.26 -49.33
N GLY D 110 -21.79 25.24 -49.63
CA GLY D 110 -21.32 26.60 -49.87
C GLY D 110 -20.72 26.73 -51.26
N TYR D 111 -19.59 27.44 -51.36
CA TYR D 111 -18.88 27.65 -52.63
C TYR D 111 -17.92 26.49 -52.97
N SER D 112 -17.69 25.59 -52.00
CA SER D 112 -16.77 24.46 -52.15
C SER D 112 -17.48 23.10 -52.22
N THR D 113 -16.83 22.15 -52.90
CA THR D 113 -17.14 20.72 -52.74
C THR D 113 -16.49 20.33 -51.41
N VAL D 114 -17.04 19.33 -50.73
CA VAL D 114 -16.49 18.82 -49.49
CA VAL D 114 -16.47 18.82 -49.50
C VAL D 114 -16.44 17.29 -49.55
N ALA D 115 -15.53 16.69 -48.79
CA ALA D 115 -15.40 15.21 -48.77
C ALA D 115 -14.68 14.79 -47.49
N PRO D 116 -14.64 13.46 -47.21
CA PRO D 116 -14.01 13.00 -45.96
C PRO D 116 -12.62 13.60 -45.75
N PHE D 117 -12.36 14.19 -44.59
CA PHE D 117 -11.08 14.84 -44.38
C PHE D 117 -10.53 14.71 -42.96
N GLN D 118 -9.24 15.00 -42.84
CA GLN D 118 -8.55 14.93 -41.56
C GLN D 118 -8.62 16.28 -40.84
N PHE D 119 -9.20 16.28 -39.64
CA PHE D 119 -9.24 17.52 -38.82
C PHE D 119 -7.96 17.71 -38.01
N SER D 120 -7.49 16.62 -37.39
CA SER D 120 -6.30 16.61 -36.52
C SER D 120 -5.70 15.23 -36.64
N GLU D 121 -4.65 14.95 -35.87
CA GLU D 121 -4.07 13.61 -35.88
C GLU D 121 -4.98 12.56 -35.27
N ASN D 122 -5.87 13.00 -34.38
CA ASN D 122 -6.81 12.12 -33.68
C ASN D 122 -8.26 12.07 -34.23
N THR D 123 -8.59 12.91 -35.20
CA THR D 123 -9.96 13.09 -35.65
C THR D 123 -10.11 13.22 -37.17
N ILE D 124 -11.05 12.47 -37.75
CA ILE D 124 -11.41 12.65 -39.18
C ILE D 124 -12.90 13.04 -39.26
N VAL D 125 -13.27 13.77 -40.33
CA VAL D 125 -14.63 14.20 -40.52
C VAL D 125 -15.20 13.67 -41.84
N LEU D 126 -16.42 13.16 -41.77
CA LEU D 126 -17.19 12.74 -42.95
C LEU D 126 -18.37 13.68 -43.14
N PRO D 127 -18.40 14.42 -44.26
CA PRO D 127 -19.68 15.00 -44.68
C PRO D 127 -20.62 13.87 -45.09
N VAL D 128 -21.90 13.97 -44.76
CA VAL D 128 -22.88 12.95 -45.16
CA VAL D 128 -22.89 12.94 -45.14
C VAL D 128 -24.12 13.60 -45.74
N LEU D 129 -24.47 13.18 -46.96
CA LEU D 129 -25.69 13.61 -47.64
C LEU D 129 -26.58 12.36 -47.61
N TYR D 130 -27.76 12.50 -46.99
CA TYR D 130 -28.65 11.36 -46.77
C TYR D 130 -30.11 11.82 -46.82
N ARG D 131 -31.03 10.85 -46.81
CA ARG D 131 -32.46 11.13 -46.92
C ARG D 131 -33.19 10.91 -45.59
N VAL D 132 -34.04 11.88 -45.26
CA VAL D 132 -34.85 11.82 -44.05
C VAL D 132 -36.35 11.84 -44.38
N LYS D 133 -37.15 11.57 -43.36
CA LYS D 133 -38.58 11.65 -43.46
C LYS D 133 -38.99 13.10 -43.57
N ASN D 134 -39.99 13.34 -44.39
CA ASN D 134 -40.53 14.70 -44.57
CA ASN D 134 -40.58 14.66 -44.59
C ASN D 134 -41.38 15.10 -43.34
N VAL D 135 -40.68 15.42 -42.26
CA VAL D 135 -41.33 15.88 -41.01
C VAL D 135 -41.11 17.39 -40.94
N THR D 136 -42.02 18.08 -40.26
CA THR D 136 -42.07 19.56 -40.27
C THR D 136 -42.02 20.26 -38.90
N THR D 137 -42.64 19.71 -37.85
CA THR D 137 -42.58 20.34 -36.50
C THR D 137 -41.18 20.21 -35.86
N THR D 138 -40.88 21.07 -34.89
CA THR D 138 -39.55 21.08 -34.28
C THR D 138 -39.24 19.76 -33.58
N GLU D 139 -40.18 19.24 -32.80
CA GLU D 139 -39.95 17.98 -32.07
C GLU D 139 -39.79 16.80 -33.04
N ASP D 140 -40.63 16.76 -34.09
CA ASP D 140 -40.55 15.67 -35.08
C ASP D 140 -39.23 15.67 -35.86
N ILE D 141 -38.70 16.87 -36.17
CA ILE D 141 -37.40 16.98 -36.85
C ILE D 141 -36.27 16.42 -35.96
N LYS D 142 -36.19 16.88 -34.70
CA LYS D 142 -35.20 16.37 -33.77
C LYS D 142 -35.35 14.86 -33.61
N ASN D 143 -36.59 14.42 -33.44
CA ASN D 143 -36.84 12.98 -33.26
C ASN D 143 -36.40 12.15 -34.48
N GLU D 144 -36.70 12.66 -35.68
CA GLU D 144 -36.29 12.00 -36.94
C GLU D 144 -34.78 11.94 -37.07
N LEU D 145 -34.10 13.07 -36.82
CA LEU D 145 -32.66 13.13 -36.97
C LEU D 145 -31.96 12.12 -36.05
N ALA D 146 -32.49 11.94 -34.85
CA ALA D 146 -31.93 11.00 -33.89
C ALA D 146 -32.02 9.52 -34.34
N LYS D 147 -32.82 9.22 -35.38
CA LYS D 147 -32.88 7.84 -35.90
C LYS D 147 -31.71 7.45 -36.79
N HIS D 148 -30.90 8.41 -37.24
CA HIS D 148 -29.80 8.14 -38.15
C HIS D 148 -28.43 8.06 -37.44
N THR D 149 -27.79 6.89 -37.46
CA THR D 149 -26.44 6.72 -36.92
C THR D 149 -25.44 6.29 -38.01
N PHE D 150 -24.29 6.94 -38.00
CA PHE D 150 -23.19 6.74 -38.95
C PHE D 150 -21.94 6.28 -38.18
N THR D 151 -21.64 4.98 -38.22
CA THR D 151 -20.57 4.39 -37.40
C THR D 151 -19.46 3.91 -38.32
N LEU D 152 -18.23 4.33 -38.04
CA LEU D 152 -17.06 3.90 -38.79
C LEU D 152 -16.53 2.69 -38.06
N VAL D 153 -16.34 1.59 -38.78
CA VAL D 153 -15.84 0.35 -38.16
C VAL D 153 -14.53 -0.05 -38.80
N CYS D 154 -13.55 -0.39 -37.97
CA CYS D 154 -12.29 -0.95 -38.43
C CYS D 154 -12.34 -2.43 -38.11
N TYR D 155 -12.29 -3.27 -39.14
CA TYR D 155 -12.20 -4.73 -38.94
C TYR D 155 -10.71 -5.11 -38.78
N THR D 156 -10.31 -5.42 -37.54
CA THR D 156 -8.89 -5.60 -37.21
C THR D 156 -8.24 -6.91 -37.72
N ASP D 157 -9.03 -7.97 -37.99
CA ASP D 157 -8.51 -9.17 -38.67
C ASP D 157 -7.97 -8.86 -40.08
N ASP D 158 -8.47 -7.81 -40.72
CA ASP D 158 -8.02 -7.44 -42.07
C ASP D 158 -6.68 -6.74 -42.11
N ILE D 159 -6.18 -6.28 -40.96
CA ILE D 159 -4.90 -5.56 -40.91
C ILE D 159 -3.78 -6.58 -40.82
N LYS D 160 -2.86 -6.55 -41.77
CA LYS D 160 -1.72 -7.46 -41.80
C LYS D 160 -0.44 -6.70 -41.54
N SER D 161 0.62 -7.45 -41.21
CA SER D 161 1.96 -6.91 -41.02
C SER D 161 2.35 -6.06 -42.22
N GLY D 162 2.78 -4.82 -42.00
CA GLY D 162 3.25 -3.96 -43.08
C GLY D 162 2.20 -3.15 -43.81
N ASP D 163 0.92 -3.39 -43.59
CA ASP D 163 -0.13 -2.60 -44.27
C ASP D 163 0.11 -1.11 -44.10
N THR D 164 0.04 -0.35 -45.19
CA THR D 164 0.19 1.10 -45.11
C THR D 164 -1.15 1.84 -45.22
N ILE D 165 -2.24 1.14 -45.51
CA ILE D 165 -3.55 1.76 -45.66
C ILE D 165 -4.50 1.24 -44.60
N LEU D 166 -5.17 2.16 -43.90
CA LEU D 166 -6.16 1.84 -42.87
C LEU D 166 -7.55 1.95 -43.50
N LYS D 167 -8.26 0.83 -43.56
CA LYS D 167 -9.55 0.76 -44.24
C LYS D 167 -10.65 0.70 -43.20
N LEU D 168 -11.58 1.64 -43.32
CA LEU D 168 -12.74 1.76 -42.44
C LEU D 168 -14.04 1.63 -43.25
N TYR D 169 -15.04 0.97 -42.67
CA TYR D 169 -16.37 0.88 -43.32
C TYR D 169 -17.37 1.81 -42.67
N LEU D 170 -18.11 2.60 -43.47
CA LEU D 170 -19.21 3.41 -42.95
C LEU D 170 -20.43 2.52 -42.83
N ARG D 171 -20.89 2.30 -41.60
CA ARG D 171 -22.07 1.50 -41.33
C ARG D 171 -23.20 2.44 -40.93
N TYR D 172 -24.26 2.47 -41.73
CA TYR D 172 -25.35 3.46 -41.62
C TYR D 172 -26.64 2.72 -41.25
N LYS D 173 -27.18 3.05 -40.08
CA LYS D 173 -28.38 2.44 -39.52
C LYS D 173 -29.45 3.51 -39.26
N VAL D 174 -30.64 3.28 -39.83
CA VAL D 174 -31.82 4.09 -39.58
C VAL D 174 -32.71 3.24 -38.65
N GLU D 175 -33.12 3.84 -37.53
CA GLU D 175 -33.93 3.16 -36.53
C GLU D 175 -35.42 3.33 -36.88
N ASP D 176 -35.84 2.55 -37.87
CA ASP D 176 -37.21 2.52 -38.35
C ASP D 176 -37.44 1.23 -39.17
N GLU D 177 -38.70 0.91 -39.47
CA GLU D 177 -39.01 -0.33 -40.17
C GLU D 177 -38.58 -0.22 -41.64
N PRO D 178 -38.31 -1.36 -42.31
CA PRO D 178 -37.70 -1.34 -43.65
C PRO D 178 -38.47 -0.56 -44.69
N ALA D 179 -39.81 -0.64 -44.65
CA ALA D 179 -40.65 0.08 -45.58
C ALA D 179 -40.54 1.60 -45.36
N ALA D 180 -40.58 2.01 -44.10
CA ALA D 180 -40.40 3.43 -43.75
C ALA D 180 -39.03 3.93 -44.20
N ILE D 181 -37.99 3.11 -44.04
CA ILE D 181 -36.62 3.48 -44.48
C ILE D 181 -36.61 3.73 -45.99
N ALA D 182 -37.15 2.77 -46.75
CA ALA D 182 -37.16 2.81 -48.22
C ALA D 182 -37.90 4.02 -48.78
N GLU D 183 -38.95 4.49 -48.08
CA GLU D 183 -39.74 5.64 -48.52
C GLU D 183 -39.10 7.01 -48.25
N ARG D 184 -38.10 7.11 -47.36
CA ARG D 184 -37.45 8.42 -47.11
C ARG D 184 -36.84 9.03 -48.38
N ALA D 185 -37.16 10.29 -48.65
CA ALA D 185 -36.69 10.96 -49.85
C ALA D 185 -36.23 12.42 -49.71
N THR D 186 -36.28 13.00 -48.49
CA THR D 186 -35.90 14.41 -48.29
C THR D 186 -34.38 14.54 -48.09
N ARG D 187 -33.71 15.15 -49.07
CA ARG D 187 -32.26 15.30 -49.03
C ARG D 187 -31.86 16.26 -47.91
N THR D 188 -30.89 15.85 -47.11
CA THR D 188 -30.31 16.72 -46.10
C THR D 188 -28.84 16.33 -45.94
N SER D 189 -28.05 17.19 -45.29
CA SER D 189 -26.64 16.88 -45.02
C SER D 189 -26.18 17.31 -43.62
N SER D 190 -25.13 16.65 -43.11
CA SER D 190 -24.47 17.00 -41.84
C SER D 190 -22.98 16.71 -41.93
N PHE D 191 -22.26 17.04 -40.87
CA PHE D 191 -20.89 16.59 -40.69
C PHE D 191 -20.91 15.69 -39.47
N LYS D 192 -20.13 14.60 -39.56
CA LYS D 192 -19.92 13.68 -38.48
C LYS D 192 -18.41 13.56 -38.16
N ALA D 193 -18.00 13.76 -36.91
CA ALA D 193 -16.58 13.72 -36.51
C ALA D 193 -16.25 12.47 -35.69
N TYR D 194 -15.14 11.83 -36.01
CA TYR D 194 -14.75 10.55 -35.40
C TYR D 194 -13.42 10.67 -34.73
N GLU D 195 -13.38 10.32 -33.45
CA GLU D 195 -12.13 10.19 -32.69
C GLU D 195 -11.53 8.84 -33.04
N ILE D 196 -10.42 8.84 -33.77
CA ILE D 196 -9.82 7.59 -34.27
C ILE D 196 -8.52 7.15 -33.60
N SER D 197 -8.19 7.71 -32.44
CA SER D 197 -6.97 7.33 -31.73
CA SER D 197 -6.96 7.34 -31.73
C SER D 197 -6.97 5.84 -31.36
N GLN D 198 -8.11 5.32 -30.93
CA GLN D 198 -8.18 3.91 -30.56
C GLN D 198 -8.04 3.00 -31.78
N ILE D 199 -8.52 3.47 -32.94
CA ILE D 199 -8.37 2.72 -34.19
C ILE D 199 -6.91 2.74 -34.66
N LEU D 200 -6.28 3.92 -34.64
CA LEU D 200 -4.86 4.04 -35.00
C LEU D 200 -3.96 3.20 -34.08
N ARG D 201 -4.26 3.17 -32.77
CA ARG D 201 -3.54 2.31 -31.81
CA ARG D 201 -3.51 2.31 -31.84
C ARG D 201 -3.59 0.85 -32.26
N GLU D 202 -4.77 0.39 -32.62
CA GLU D 202 -4.95 -1.01 -33.01
C GLU D 202 -4.28 -1.29 -34.36
N TYR D 203 -4.45 -0.39 -35.31
CA TYR D 203 -3.73 -0.45 -36.57
C TYR D 203 -2.21 -0.61 -36.35
N THR D 204 -1.65 0.24 -35.49
CA THR D 204 -0.22 0.22 -35.20
C THR D 204 0.24 -1.15 -34.66
N LEU D 205 -0.55 -1.70 -33.74
CA LEU D 205 -0.22 -2.99 -33.13
C LEU D 205 -0.31 -4.18 -34.08
N LYS D 206 -1.23 -4.16 -35.04
CA LYS D 206 -1.43 -5.25 -36.03
C LYS D 206 -0.53 -5.09 -37.29
N SER D 207 -0.34 -3.85 -37.75
CA SER D 207 0.51 -3.56 -38.91
C SER D 207 1.99 -3.41 -38.55
N GLY D 208 2.28 -3.08 -37.29
CA GLY D 208 3.64 -2.72 -36.91
C GLY D 208 4.04 -1.33 -37.35
N GLN D 209 3.21 -0.63 -38.14
CA GLN D 209 3.52 0.71 -38.62
C GLN D 209 3.16 1.76 -37.58
N THR D 210 3.95 2.83 -37.51
CA THR D 210 3.71 3.92 -36.55
C THR D 210 2.46 4.73 -36.93
N LYS D 211 2.19 4.82 -38.24
CA LYS D 211 1.01 5.51 -38.76
C LYS D 211 0.70 5.01 -40.17
N PRO D 212 -0.58 5.12 -40.61
CA PRO D 212 -0.87 4.75 -41.99
C PRO D 212 -0.52 5.88 -42.96
N ALA D 213 -0.28 5.49 -44.22
CA ALA D 213 -0.08 6.41 -45.33
C ALA D 213 -1.40 7.12 -45.62
N LYS D 214 -2.48 6.35 -45.66
CA LYS D 214 -3.81 6.88 -45.92
C LYS D 214 -4.92 6.05 -45.29
N ILE D 215 -6.05 6.71 -45.04
CA ILE D 215 -7.25 6.08 -44.49
C ILE D 215 -8.27 6.05 -45.61
N THR D 216 -8.84 4.88 -45.90
CA THR D 216 -9.92 4.76 -46.87
C THR D 216 -11.25 4.51 -46.15
N ILE D 217 -12.31 5.12 -46.67
CA ILE D 217 -13.65 4.97 -46.12
C ILE D 217 -14.53 4.30 -47.18
N VAL D 218 -15.11 3.15 -46.83
CA VAL D 218 -15.96 2.36 -47.75
C VAL D 218 -17.43 2.59 -47.36
N ALA D 219 -18.20 3.16 -48.31
CA ALA D 219 -19.63 3.45 -48.12
C ALA D 219 -20.49 2.73 -49.17
N GLN D 220 -21.69 2.32 -48.76
CA GLN D 220 -22.71 1.83 -49.70
C GLN D 220 -23.64 3.01 -49.93
N GLN D 221 -23.62 3.53 -51.14
CA GLN D 221 -24.39 4.70 -51.49
C GLN D 221 -25.28 4.51 -52.72
N ASN D 222 -26.32 5.36 -52.77
CA ASN D 222 -27.32 5.31 -53.84
C ASN D 222 -27.78 6.75 -54.07
N GLU D 223 -27.53 7.31 -55.25
CA GLU D 223 -27.84 8.73 -55.54
C GLU D 223 -29.34 8.98 -55.83
N TYR D 224 -30.12 7.92 -56.03
CA TYR D 224 -31.50 8.04 -56.53
C TYR D 224 -32.60 7.75 -55.52
N ASN D 225 -32.40 6.72 -54.69
CA ASN D 225 -33.42 6.31 -53.75
C ASN D 225 -32.78 5.73 -52.48
N ASN D 226 -33.62 5.43 -51.51
CA ASN D 226 -33.16 4.98 -50.20
C ASN D 226 -33.30 3.49 -49.98
N LYS D 227 -33.37 2.73 -51.08
CA LYS D 227 -33.40 1.28 -51.00
C LYS D 227 -31.96 0.71 -51.12
N LEU D 228 -31.46 0.14 -50.02
CA LEU D 228 -30.11 -0.46 -49.98
C LEU D 228 -29.98 -1.60 -51.00
N GLU D 229 -31.03 -2.44 -51.13
CA GLU D 229 -31.01 -3.60 -52.06
C GLU D 229 -31.47 -3.23 -53.47
N ASP D 230 -31.19 -2.00 -53.89
CA ASP D 230 -31.56 -1.50 -55.20
C ASP D 230 -30.34 -1.68 -56.13
N THR D 231 -30.57 -1.87 -57.43
CA THR D 231 -29.45 -1.95 -58.38
C THR D 231 -28.66 -0.64 -58.53
N SER D 232 -29.20 0.50 -58.10
CA SER D 232 -28.45 1.75 -58.09
C SER D 232 -27.48 1.90 -56.89
N THR D 233 -27.47 0.95 -55.94
CA THR D 233 -26.62 1.06 -54.75
C THR D 233 -25.23 0.57 -55.11
N ILE D 234 -24.23 1.45 -54.92
CA ILE D 234 -22.84 1.11 -55.22
C ILE D 234 -21.93 1.18 -53.99
N GLU D 235 -20.85 0.41 -54.02
CA GLU D 235 -19.80 0.55 -53.03
C GLU D 235 -18.80 1.59 -53.56
N LYS D 236 -18.60 2.66 -52.79
CA LYS D 236 -17.68 3.76 -53.16
C LYS D 236 -16.60 3.90 -52.07
N VAL D 237 -15.35 4.07 -52.48
CA VAL D 237 -14.24 4.22 -51.54
C VAL D 237 -13.74 5.66 -51.61
N TYR D 238 -13.62 6.32 -50.44
CA TYR D 238 -13.09 7.68 -50.33
C TYR D 238 -11.74 7.62 -49.63
N GLU D 239 -10.80 8.48 -50.03
CA GLU D 239 -9.44 8.44 -49.49
C GLU D 239 -9.07 9.66 -48.69
N ILE D 240 -8.39 9.44 -47.58
CA ILE D 240 -7.86 10.52 -46.75
C ILE D 240 -6.36 10.31 -46.58
N GLU D 241 -5.58 11.31 -46.96
CA GLU D 241 -4.13 11.33 -46.77
C GLU D 241 -3.86 11.64 -45.30
N TYR D 242 -3.27 10.67 -44.59
CA TYR D 242 -3.03 10.84 -43.16
C TYR D 242 -1.71 11.58 -42.87
N LYS D 243 -1.83 12.77 -42.30
CA LYS D 243 -0.70 13.64 -41.97
C LYS D 243 -0.51 13.72 -40.44
N THR D 244 0.72 13.92 -40.01
CA THR D 244 1.01 14.25 -38.62
C THR D 244 1.96 15.46 -38.62
N ALA D 245 2.20 16.06 -37.47
CA ALA D 245 3.24 17.13 -37.38
C ALA D 245 4.64 16.53 -37.45
N GLU D 246 4.76 15.26 -37.04
CA GLU D 246 6.04 14.53 -37.04
C GLU D 246 6.30 13.85 -38.40
#